data_2Q0G
#
_entry.id   2Q0G
#
_cell.length_a   81.544
_cell.length_b   41.953
_cell.length_c   106.593
_cell.angle_alpha   90.000
_cell.angle_beta   95.620
_cell.angle_gamma   90.000
#
_symmetry.space_group_name_H-M   'P 1 21 1'
#
loop_
_entity.id
_entity.type
_entity.pdbx_description
1 polymer 'RNA uridylyl transferase'
2 non-polymer 'MAGNESIUM ION'
3 non-polymer 'CHLORIDE ION'
4 non-polymer '[(2R,3S,4R,5R)-5-(2,4-DIOXO-3,4-DIHYDROPYRIMIDIN-1(2H)-YL)-3,4-DIHYDROXYTETRAHYDROFURAN-2-YL]METHYL (2R,3S,4R,5R)-5-(2,4-DIOXO-3,4-DIHYDROPYRIMIDIN-1(2H)-YL)-4-HYDROXY-2-(HYDROXYMETHYL)TETRAHYDROFURAN-3-YL HYDROGEN (S)-PHOSPHATE'
5 water water
#
_entity_poly.entity_id   1
_entity_poly.type   'polypeptide(L)'
_entity_poly.pdbx_seq_one_letter_code
;MGSSHHHHHHSSGLVPRGSHMPPSPAVVGRSLVNSFKQFVSKDLHTRHVDATYRLVLDCVAAVDPLMRLYTFGSTVVYGV
HEKGSDVDFVVLNKTDVEDGKGGDAATQVAKGLQADILAKLARVIRQKHLSWNVEEVRRTRVPVVRVKGGGAVDFDITAY
RRNGVRNSALLRAYFEQNPPCRWLSMSIKRWSKQTGLNASVIGGSITSYGFNLMVVYYLLQRNHLQFVPPSTIDVSRVEP
LPPHLPLEEPADEGLELGTQVLDFLHFFLHEFDSDKQVISLNRPGITTKEELDWTKSAEDFARMNGEKVHYQWCIEDPYE
LNLNVGRNVTPLKRDFLRRHLEKARDTALLTIV
;
_entity_poly.pdbx_strand_id   A,B
#
# COMPACT_ATOMS: atom_id res chain seq x y z
N PRO A 23 -38.44 -28.50 11.80
CA PRO A 23 -38.75 -28.69 13.21
C PRO A 23 -39.61 -27.55 13.74
N SER A 24 -40.12 -27.70 14.96
CA SER A 24 -40.85 -26.65 15.63
C SER A 24 -39.86 -25.61 16.15
N PRO A 25 -40.33 -24.37 16.36
CA PRO A 25 -39.60 -23.35 17.11
C PRO A 25 -38.91 -23.86 18.37
N ALA A 26 -39.57 -24.72 19.14
CA ALA A 26 -38.95 -25.29 20.36
C ALA A 26 -37.77 -26.24 20.11
N VAL A 27 -37.91 -27.17 19.15
CA VAL A 27 -36.79 -28.07 18.79
C VAL A 27 -35.55 -27.28 18.33
N VAL A 28 -35.77 -26.34 17.41
CA VAL A 28 -34.74 -25.41 16.91
C VAL A 28 -34.11 -24.59 18.07
N GLY A 29 -34.95 -23.93 18.87
CA GLY A 29 -34.49 -23.11 20.00
C GLY A 29 -33.69 -23.87 21.05
N ARG A 30 -34.04 -25.14 21.26
CA ARG A 30 -33.33 -26.01 22.19
C ARG A 30 -31.97 -26.51 21.69
N SER A 31 -31.86 -26.84 20.40
CA SER A 31 -30.58 -27.25 19.80
C SER A 31 -29.59 -26.12 19.84
N LEU A 32 -30.09 -24.92 19.52
CA LEU A 32 -29.26 -23.73 19.43
C LEU A 32 -28.73 -23.38 20.79
N VAL A 33 -29.58 -23.47 21.81
CA VAL A 33 -29.14 -23.16 23.18
C VAL A 33 -28.10 -24.16 23.69
N ASN A 34 -28.18 -25.41 23.25
CA ASN A 34 -27.18 -26.41 23.63
C ASN A 34 -25.82 -26.22 22.94
N SER A 35 -25.84 -25.77 21.68
CA SER A 35 -24.62 -25.38 20.97
C SER A 35 -23.93 -24.16 21.59
N PHE A 36 -24.68 -23.40 22.38
CA PHE A 36 -24.15 -22.19 23.05
C PHE A 36 -23.90 -22.33 24.55
N LYS A 37 -24.08 -23.52 25.11
CA LYS A 37 -23.95 -23.68 26.57
C LYS A 37 -22.47 -23.75 26.98
N GLN A 38 -21.62 -24.14 26.04
CA GLN A 38 -20.16 -24.10 26.20
C GLN A 38 -19.67 -22.65 26.18
N PHE A 39 -20.30 -21.84 25.31
CA PHE A 39 -19.98 -20.42 25.11
C PHE A 39 -20.26 -19.47 26.31
N VAL A 40 -21.35 -19.70 27.04
CA VAL A 40 -21.66 -18.91 28.26
C VAL A 40 -20.80 -19.35 29.46
N SER A 41 -19.97 -18.42 29.94
CA SER A 41 -18.98 -18.68 31.00
C SER A 41 -18.19 -17.40 31.32
N ARG A 47 -13.53 -6.74 29.32
CA ARG A 47 -12.56 -6.17 30.27
C ARG A 47 -11.27 -7.02 30.50
N HIS A 48 -11.01 -7.98 29.62
CA HIS A 48 -9.61 -8.31 29.37
C HIS A 48 -9.10 -7.42 28.25
N VAL A 49 -10.03 -6.81 27.52
CA VAL A 49 -9.70 -5.90 26.42
C VAL A 49 -8.82 -4.71 26.85
N ASP A 50 -9.06 -4.22 28.08
CA ASP A 50 -8.36 -3.04 28.62
C ASP A 50 -6.85 -3.16 28.50
N ALA A 51 -6.34 -4.31 28.88
CA ALA A 51 -4.92 -4.64 28.85
C ALA A 51 -4.32 -4.59 27.44
N THR A 52 -5.14 -4.94 26.43
CA THR A 52 -4.80 -4.90 24.99
C THR A 52 -4.84 -3.45 24.45
N TYR A 53 -5.98 -2.80 24.64
CA TYR A 53 -6.11 -1.36 24.46
C TYR A 53 -4.85 -0.59 24.89
N ARG A 54 -4.49 -0.75 26.17
CA ARG A 54 -3.33 -0.11 26.74
C ARG A 54 -2.04 -0.51 26.01
N LEU A 55 -1.79 -1.79 25.78
CA LEU A 55 -0.61 -2.19 24.99
C LEU A 55 -0.51 -1.47 23.63
N VAL A 56 -1.66 -1.31 22.95
CA VAL A 56 -1.74 -0.63 21.63
C VAL A 56 -1.52 0.90 21.72
N LEU A 57 -1.96 1.49 22.83
CA LEU A 57 -1.87 2.93 23.02
C LEU A 57 -0.44 3.33 23.40
N ASP A 58 0.24 2.44 24.13
CA ASP A 58 1.68 2.53 24.28
C ASP A 58 2.38 2.74 22.96
N CYS A 59 1.88 2.09 21.90
CA CYS A 59 2.42 2.19 20.54
C CYS A 59 2.01 3.43 19.80
N VAL A 60 0.72 3.77 19.86
CA VAL A 60 0.19 4.95 19.18
C VAL A 60 0.77 6.24 19.77
N ALA A 61 0.93 6.28 21.09
CA ALA A 61 1.59 7.39 21.80
C ALA A 61 3.04 7.56 21.38
N ALA A 62 3.68 6.46 20.92
CA ALA A 62 5.09 6.51 20.45
C ALA A 62 5.18 7.11 19.06
N VAL A 63 4.07 7.08 18.31
CA VAL A 63 4.08 7.75 17.01
C VAL A 63 3.70 9.21 17.24
N ASP A 64 2.50 9.44 17.76
CA ASP A 64 2.03 10.80 18.05
C ASP A 64 1.15 10.72 19.31
N PRO A 65 1.61 11.32 20.42
CA PRO A 65 0.93 11.16 21.73
C PRO A 65 -0.42 11.89 21.88
N LEU A 66 -0.76 12.68 20.85
CA LEU A 66 -1.98 13.46 20.82
C LEU A 66 -3.12 12.70 20.14
N MET A 67 -2.88 11.43 19.86
CA MET A 67 -3.75 10.62 19.03
C MET A 67 -4.71 9.77 19.86
N ARG A 68 -5.99 9.89 19.55
CA ARG A 68 -7.02 9.06 20.18
C ARG A 68 -6.98 7.67 19.59
N LEU A 69 -7.20 6.68 20.45
CA LEU A 69 -7.42 5.31 20.02
C LEU A 69 -8.83 4.87 20.39
N TYR A 70 -9.59 4.40 19.39
CA TYR A 70 -11.01 4.05 19.53
C TYR A 70 -11.30 2.60 19.12
N THR A 71 -12.08 1.90 19.94
CA THR A 71 -12.47 0.51 19.72
C THR A 71 -13.74 0.44 18.87
N PHE A 72 -13.80 -0.57 17.97
CA PHE A 72 -15.04 -0.90 17.28
C PHE A 72 -15.20 -2.38 17.00
N GLY A 73 -16.14 -2.77 16.15
CA GLY A 73 -16.33 -4.19 15.83
C GLY A 73 -17.43 -4.85 16.64
N SER A 74 -17.40 -6.18 16.70
CA SER A 74 -18.41 -6.96 17.48
C SER A 74 -18.28 -6.81 18.99
N THR A 75 -17.06 -6.56 19.45
CA THR A 75 -16.86 -6.36 20.88
C THR A 75 -17.66 -5.18 21.36
N VAL A 76 -17.87 -4.19 20.50
CA VAL A 76 -18.71 -3.01 20.79
C VAL A 76 -20.22 -3.23 20.45
N VAL A 77 -20.49 -3.90 19.34
CA VAL A 77 -21.85 -4.27 18.96
C VAL A 77 -22.47 -5.15 20.05
N TYR A 78 -21.78 -6.22 20.41
CA TYR A 78 -22.31 -7.13 21.41
C TYR A 78 -22.14 -6.68 22.86
N GLY A 79 -21.04 -6.00 23.16
CA GLY A 79 -20.70 -5.67 24.53
C GLY A 79 -20.10 -6.86 25.28
N VAL A 80 -19.67 -7.87 24.54
CA VAL A 80 -19.07 -9.08 25.11
C VAL A 80 -17.91 -9.44 24.21
N HIS A 81 -16.88 -10.03 24.81
CA HIS A 81 -15.69 -10.43 24.06
C HIS A 81 -15.57 -11.93 23.83
N GLU A 82 -15.75 -12.31 22.55
CA GLU A 82 -16.18 -13.64 22.08
C GLU A 82 -15.09 -14.74 22.13
N LYS A 83 -15.23 -15.75 21.25
CA LYS A 83 -14.31 -16.90 21.17
C LYS A 83 -13.78 -17.17 19.74
N GLY A 84 -12.49 -16.88 19.54
CA GLY A 84 -11.87 -16.79 18.20
C GLY A 84 -12.05 -15.37 17.68
N SER A 85 -12.21 -14.45 18.63
CA SER A 85 -12.66 -13.09 18.37
C SER A 85 -11.54 -12.08 18.69
N ASP A 86 -11.11 -11.39 17.64
CA ASP A 86 -10.12 -10.35 17.75
C ASP A 86 -10.79 -9.02 18.14
N VAL A 87 -10.01 -7.93 18.21
CA VAL A 87 -10.55 -6.58 18.49
C VAL A 87 -10.16 -5.67 17.33
N ASP A 88 -10.99 -4.67 17.00
CA ASP A 88 -10.65 -3.72 15.93
C ASP A 88 -10.40 -2.36 16.56
N PHE A 89 -9.33 -1.68 16.20
CA PHE A 89 -9.08 -0.34 16.70
C PHE A 89 -8.95 0.63 15.53
N VAL A 90 -9.24 1.92 15.74
CA VAL A 90 -8.89 2.96 14.75
C VAL A 90 -8.16 4.13 15.40
N VAL A 91 -7.16 4.67 14.71
CA VAL A 91 -6.44 5.83 15.19
C VAL A 91 -7.09 7.12 14.61
N LEU A 92 -7.29 8.09 15.50
CA LEU A 92 -8.00 9.33 15.16
C LEU A 92 -7.38 10.56 15.81
N ASN A 93 -7.39 11.67 15.06
CA ASN A 93 -6.98 12.98 15.54
C ASN A 93 -8.06 13.58 16.42
N LYS A 94 -7.65 14.47 17.32
CA LYS A 94 -8.57 15.29 18.10
C LYS A 94 -9.66 15.87 17.21
N THR A 95 -9.29 16.45 16.06
CA THR A 95 -10.28 17.09 15.19
C THR A 95 -11.13 16.17 14.30
N ASP A 96 -10.67 14.92 14.10
CA ASP A 96 -11.49 13.88 13.48
C ASP A 96 -12.63 13.52 14.44
N VAL A 97 -12.32 13.53 15.73
CA VAL A 97 -13.22 13.16 16.81
C VAL A 97 -14.20 14.28 17.09
N GLU A 98 -13.79 15.52 16.87
CA GLU A 98 -14.72 16.65 16.96
C GLU A 98 -15.64 16.75 15.73
N ASP A 99 -15.10 16.56 14.55
CA ASP A 99 -15.95 16.44 13.38
C ASP A 99 -16.79 15.14 13.49
N GLY A 100 -17.56 15.03 14.59
CA GLY A 100 -18.14 13.77 15.05
C GLY A 100 -19.03 13.05 14.08
N LYS A 101 -19.50 13.77 13.06
CA LYS A 101 -20.42 13.25 12.08
C LYS A 101 -19.86 13.36 10.66
N GLY A 102 -18.63 13.79 10.52
CA GLY A 102 -18.02 13.78 9.21
C GLY A 102 -17.90 12.42 8.52
N GLY A 103 -18.32 12.39 7.25
CA GLY A 103 -18.06 11.25 6.36
C GLY A 103 -16.58 10.96 6.17
N ASP A 104 -16.26 9.92 5.39
CA ASP A 104 -14.89 9.40 5.15
C ASP A 104 -14.47 9.48 3.66
N ALA A 105 -13.47 10.31 3.34
CA ALA A 105 -13.01 10.51 1.97
C ALA A 105 -12.54 9.20 1.35
N ALA A 106 -12.97 8.94 0.11
CA ALA A 106 -12.51 7.77 -0.65
C ALA A 106 -11.43 8.09 -1.68
N THR A 107 -10.76 9.22 -1.56
CA THR A 107 -9.79 9.63 -2.57
C THR A 107 -8.49 8.84 -2.45
N GLN A 108 -7.58 9.04 -3.41
CA GLN A 108 -6.26 8.42 -3.39
C GLN A 108 -5.32 9.12 -2.40
N VAL A 109 -5.55 10.41 -2.23
CA VAL A 109 -4.96 11.20 -1.17
C VAL A 109 -5.38 10.65 0.19
N ALA A 110 -6.68 10.39 0.35
CA ALA A 110 -7.22 9.87 1.63
C ALA A 110 -6.55 8.57 2.05
N LYS A 111 -6.43 7.62 1.12
CA LYS A 111 -5.79 6.34 1.43
C LYS A 111 -4.26 6.47 1.59
N GLY A 112 -3.63 7.27 0.75
CA GLY A 112 -2.18 7.49 0.85
C GLY A 112 -1.80 7.91 2.24
N LEU A 113 -2.50 8.89 2.78
CA LEU A 113 -2.33 9.44 4.13
C LEU A 113 -2.45 8.41 5.27
N GLN A 114 -3.29 7.41 5.07
CA GLN A 114 -3.62 6.44 6.10
C GLN A 114 -2.66 5.29 6.03
N ALA A 115 -2.24 4.95 4.82
CA ALA A 115 -1.22 3.94 4.59
C ALA A 115 0.10 4.41 5.22
N ASP A 116 0.28 5.72 5.26
CA ASP A 116 1.51 6.36 5.73
C ASP A 116 1.61 6.35 7.27
N ILE A 117 0.56 6.76 7.96
CA ILE A 117 0.53 6.70 9.42
C ILE A 117 0.50 5.30 9.99
N LEU A 118 0.05 4.34 9.18
CA LEU A 118 0.06 2.93 9.58
C LEU A 118 1.43 2.26 9.31
N ALA A 119 2.11 2.69 8.25
CA ALA A 119 3.53 2.35 8.05
C ALA A 119 4.29 2.61 9.34
N LYS A 120 4.24 3.84 9.83
CA LYS A 120 4.91 4.28 11.04
C LYS A 120 4.54 3.50 12.28
N LEU A 121 3.24 3.29 12.50
CA LEU A 121 2.76 2.58 13.70
C LEU A 121 3.12 1.12 13.64
N ALA A 122 3.07 0.53 12.45
CA ALA A 122 3.55 -0.85 12.20
C ALA A 122 5.00 -1.10 12.63
N ARG A 123 5.89 -0.15 12.33
CA ARG A 123 7.32 -0.18 12.65
C ARG A 123 7.56 -0.17 14.15
N VAL A 124 6.74 0.61 14.87
CA VAL A 124 6.82 0.67 16.33
C VAL A 124 6.33 -0.62 16.96
N ILE A 125 5.21 -1.16 16.48
CA ILE A 125 4.68 -2.37 17.06
C ILE A 125 5.78 -3.42 17.04
N ARG A 126 6.39 -3.58 15.86
CA ARG A 126 7.45 -4.56 15.59
C ARG A 126 8.71 -4.43 16.47
N GLN A 127 9.11 -3.18 16.73
CA GLN A 127 10.24 -2.84 17.60
C GLN A 127 9.92 -3.23 19.06
N LYS A 128 8.70 -3.00 19.49
CA LYS A 128 8.32 -3.30 20.85
C LYS A 128 8.05 -4.79 21.10
N HIS A 129 7.38 -5.46 20.14
CA HIS A 129 6.99 -6.86 20.26
C HIS A 129 7.52 -7.75 19.13
N LEU A 130 8.65 -8.42 19.35
CA LEU A 130 9.26 -9.31 18.35
C LEU A 130 8.45 -10.57 18.01
N SER A 131 7.82 -11.17 19.01
CA SER A 131 6.99 -12.35 18.80
C SER A 131 5.84 -12.13 17.78
N TRP A 132 5.33 -10.91 17.69
CA TRP A 132 4.11 -10.61 16.91
C TRP A 132 4.37 -10.51 15.39
N ASN A 133 3.49 -11.11 14.61
CA ASN A 133 3.42 -10.83 13.17
C ASN A 133 2.60 -9.55 12.88
N VAL A 134 3.15 -8.63 12.10
CA VAL A 134 2.48 -7.37 11.76
C VAL A 134 2.39 -7.08 10.26
N GLU A 135 1.23 -7.33 9.67
CA GLU A 135 1.04 -7.20 8.22
C GLU A 135 0.22 -5.98 7.79
N GLU A 136 0.77 -5.22 6.85
CA GLU A 136 0.10 -4.08 6.24
C GLU A 136 -0.59 -4.60 4.97
N VAL A 137 -1.92 -4.70 5.02
CA VAL A 137 -2.77 -5.13 3.88
C VAL A 137 -3.11 -3.98 2.88
N ARG A 138 -2.88 -4.24 1.59
CA ARG A 138 -2.99 -3.24 0.50
C ARG A 138 -3.92 -3.65 -0.67
N ARG A 139 -4.53 -4.83 -0.57
CA ARG A 139 -5.38 -5.30 -1.68
C ARG A 139 -6.72 -4.54 -1.75
N THR A 140 -6.91 -3.59 -0.83
CA THR A 140 -8.27 -3.27 -0.37
C THR A 140 -8.66 -1.79 -0.38
N ARG A 141 -9.96 -1.59 -0.18
CA ARG A 141 -10.56 -0.29 -0.09
C ARG A 141 -10.01 0.51 1.11
N VAL A 142 -9.84 -0.15 2.25
CA VAL A 142 -9.53 0.48 3.53
C VAL A 142 -8.13 0.00 4.03
N PRO A 143 -7.09 0.87 3.96
CA PRO A 143 -5.81 0.44 4.57
C PRO A 143 -6.00 -0.04 6.02
N VAL A 144 -5.23 -1.04 6.39
CA VAL A 144 -5.42 -1.75 7.66
C VAL A 144 -4.13 -2.49 7.94
N VAL A 145 -3.79 -2.58 9.21
CA VAL A 145 -2.61 -3.28 9.68
C VAL A 145 -3.08 -4.41 10.57
N ARG A 146 -2.64 -5.63 10.23
CA ARG A 146 -3.14 -6.84 10.84
C ARG A 146 -2.10 -7.52 11.74
N VAL A 147 -2.41 -7.63 13.03
CA VAL A 147 -1.47 -8.12 14.07
C VAL A 147 -1.85 -9.48 14.67
N LYS A 148 -1.01 -10.49 14.48
CA LYS A 148 -1.13 -11.79 15.19
C LYS A 148 -0.02 -11.95 16.20
N GLY A 149 -0.39 -11.92 17.47
CA GLY A 149 0.57 -12.11 18.56
C GLY A 149 0.81 -13.57 18.93
N GLY A 150 -0.11 -14.44 18.49
CA GLY A 150 -0.04 -15.88 18.78
C GLY A 150 -0.70 -16.28 20.10
N GLY A 151 -0.54 -15.44 21.13
CA GLY A 151 -1.09 -15.76 22.44
C GLY A 151 -2.61 -15.75 22.56
N ALA A 152 -3.31 -16.05 21.47
CA ALA A 152 -4.72 -15.75 21.41
C ALA A 152 -4.81 -14.23 21.67
N VAL A 153 -4.30 -13.50 20.68
CA VAL A 153 -4.39 -12.05 20.59
C VAL A 153 -4.24 -11.67 19.08
N ASP A 154 -5.37 -11.31 18.47
CA ASP A 154 -5.39 -10.76 17.11
C ASP A 154 -6.10 -9.41 17.16
N PHE A 155 -5.66 -8.48 16.31
CA PHE A 155 -6.40 -7.23 16.06
C PHE A 155 -6.01 -6.50 14.77
N ASP A 156 -6.86 -5.56 14.35
CA ASP A 156 -6.62 -4.76 13.15
C ASP A 156 -6.56 -3.31 13.61
N ILE A 157 -5.57 -2.56 13.14
CA ILE A 157 -5.58 -1.10 13.29
C ILE A 157 -5.83 -0.42 11.94
N THR A 158 -6.91 0.39 11.85
CA THR A 158 -7.11 1.34 10.75
C THR A 158 -6.69 2.74 11.20
N ALA A 159 -6.86 3.76 10.33
CA ALA A 159 -6.49 5.13 10.68
C ALA A 159 -7.37 6.19 10.05
N TYR A 160 -7.65 7.26 10.78
CA TYR A 160 -8.34 8.45 10.24
C TYR A 160 -9.74 8.21 9.72
N ARG A 161 -10.43 7.18 10.21
CA ARG A 161 -11.78 6.86 9.70
C ARG A 161 -12.81 6.73 10.83
N ARG A 162 -13.97 7.35 10.64
CA ARG A 162 -15.06 7.33 11.64
C ARG A 162 -16.24 6.35 11.39
N ASN A 163 -16.37 5.79 10.19
CA ASN A 163 -17.57 5.03 9.87
C ASN A 163 -17.65 3.66 10.57
N GLY A 164 -16.50 3.04 10.81
CA GLY A 164 -16.43 1.82 11.60
C GLY A 164 -16.75 1.97 13.07
N VAL A 165 -16.29 3.03 13.72
CA VAL A 165 -16.80 3.28 15.08
C VAL A 165 -18.27 3.74 15.05
N ARG A 166 -18.64 4.53 14.05
CA ARG A 166 -20.04 4.97 13.86
C ARG A 166 -21.04 3.81 13.68
N ASN A 167 -20.73 2.87 12.83
CA ASN A 167 -21.72 1.84 12.57
C ASN A 167 -21.78 0.71 13.64
N SER A 168 -20.64 0.47 14.34
CA SER A 168 -20.64 -0.38 15.56
C SER A 168 -21.49 0.22 16.67
N ALA A 169 -21.39 1.53 16.83
CA ALA A 169 -22.16 2.25 17.85
C ALA A 169 -23.65 2.21 17.58
N LEU A 170 -24.03 2.22 16.30
CA LEU A 170 -25.44 2.17 15.86
C LEU A 170 -26.11 0.80 16.03
N LEU A 171 -25.35 -0.27 15.74
CA LEU A 171 -25.81 -1.61 15.97
C LEU A 171 -25.77 -1.91 17.46
N ARG A 172 -24.82 -1.33 18.19
CA ARG A 172 -24.90 -1.34 19.64
C ARG A 172 -26.15 -0.62 20.17
N ALA A 173 -26.48 0.54 19.62
CA ALA A 173 -27.68 1.23 20.03
C ALA A 173 -28.81 0.21 19.95
N TYR A 174 -28.99 -0.39 18.77
CA TYR A 174 -30.07 -1.35 18.45
C TYR A 174 -30.15 -2.56 19.35
N PHE A 175 -29.05 -3.28 19.51
CA PHE A 175 -29.00 -4.38 20.52
C PHE A 175 -29.24 -3.97 21.98
N GLU A 176 -29.07 -2.70 22.36
CA GLU A 176 -29.41 -2.22 23.73
C GLU A 176 -30.95 -2.09 23.94
N GLN A 177 -31.66 -1.71 22.88
CA GLN A 177 -33.11 -1.74 22.84
C GLN A 177 -33.62 -3.08 23.30
N ASN A 178 -32.87 -4.14 22.99
CA ASN A 178 -33.37 -5.50 23.13
C ASN A 178 -32.23 -6.50 23.27
N PRO A 179 -31.67 -6.57 24.50
CA PRO A 179 -30.47 -7.34 24.75
C PRO A 179 -30.49 -8.78 24.20
N PRO A 180 -31.61 -9.54 24.38
CA PRO A 180 -31.71 -10.94 23.91
C PRO A 180 -31.59 -11.17 22.41
N CYS A 181 -31.74 -10.12 21.63
CA CYS A 181 -31.73 -10.23 20.17
C CYS A 181 -30.36 -10.57 19.63
N ARG A 182 -29.33 -10.46 20.48
CA ARG A 182 -27.97 -10.80 20.12
C ARG A 182 -27.75 -12.30 19.90
N TRP A 183 -28.59 -13.14 20.50
CA TRP A 183 -28.58 -14.58 20.23
C TRP A 183 -28.98 -14.97 18.80
N LEU A 184 -29.96 -14.28 18.22
CA LEU A 184 -30.25 -14.39 16.79
C LEU A 184 -29.03 -13.97 15.95
N SER A 185 -28.44 -12.84 16.31
CA SER A 185 -27.29 -12.30 15.63
C SER A 185 -26.11 -13.26 15.64
N MET A 186 -25.79 -13.78 16.82
CA MET A 186 -24.64 -14.65 17.02
C MET A 186 -24.86 -15.99 16.34
N SER A 187 -26.10 -16.46 16.37
CA SER A 187 -26.48 -17.73 15.75
C SER A 187 -26.30 -17.71 14.23
N ILE A 188 -26.66 -16.57 13.60
CA ILE A 188 -26.45 -16.35 12.16
C ILE A 188 -24.96 -16.11 11.82
N LYS A 189 -24.21 -15.48 12.72
CA LYS A 189 -22.79 -15.24 12.47
C LYS A 189 -22.10 -16.58 12.31
N ARG A 190 -22.31 -17.47 13.29
CA ARG A 190 -21.67 -18.78 13.31
C ARG A 190 -22.11 -19.66 12.14
N TRP A 191 -23.42 -19.73 11.89
CA TRP A 191 -23.95 -20.44 10.72
C TRP A 191 -23.33 -19.99 9.37
N SER A 192 -23.24 -18.68 9.17
CA SER A 192 -22.72 -18.09 7.94
C SER A 192 -21.27 -18.45 7.67
N LYS A 193 -20.53 -18.80 8.72
CA LYS A 193 -19.17 -19.37 8.58
C LYS A 193 -19.21 -20.87 8.29
N GLN A 194 -20.16 -21.57 8.93
CA GLN A 194 -20.37 -23.00 8.73
C GLN A 194 -20.82 -23.35 7.30
N THR A 195 -21.71 -22.53 6.75
CA THR A 195 -22.20 -22.67 5.36
C THR A 195 -21.24 -22.23 4.26
N GLY A 196 -20.30 -21.35 4.58
CA GLY A 196 -19.32 -20.85 3.61
C GLY A 196 -19.80 -19.59 2.91
N LEU A 197 -20.91 -19.01 3.42
CA LEU A 197 -21.40 -17.72 2.91
C LEU A 197 -20.56 -16.55 3.39
N ASN A 198 -19.95 -16.66 4.56
CA ASN A 198 -19.28 -15.52 5.21
C ASN A 198 -17.95 -15.14 4.55
N ALA A 199 -17.72 -13.83 4.39
CA ALA A 199 -16.55 -13.32 3.67
C ALA A 199 -15.19 -13.67 4.27
N SER A 200 -15.18 -14.27 5.47
CA SER A 200 -13.96 -14.82 6.13
C SER A 200 -13.52 -16.14 5.50
N VAL A 201 -14.48 -16.92 5.02
CA VAL A 201 -14.27 -18.18 4.32
C VAL A 201 -13.84 -17.94 2.84
N ILE A 202 -13.03 -18.83 2.27
CA ILE A 202 -12.72 -18.74 0.81
C ILE A 202 -14.03 -18.89 0.05
N GLY A 203 -14.33 -17.96 -0.86
CA GLY A 203 -15.56 -18.04 -1.64
C GLY A 203 -16.82 -17.43 -1.02
N GLY A 204 -16.69 -16.88 0.20
CA GLY A 204 -17.77 -16.13 0.83
C GLY A 204 -17.95 -14.74 0.26
N SER A 205 -19.15 -14.18 0.38
CA SER A 205 -19.52 -12.92 -0.27
C SER A 205 -20.10 -11.79 0.60
N ILE A 206 -20.64 -12.11 1.79
CA ILE A 206 -21.10 -11.10 2.74
C ILE A 206 -20.34 -11.25 4.05
N THR A 207 -19.74 -10.13 4.53
CA THR A 207 -18.99 -10.08 5.78
C THR A 207 -19.93 -10.24 6.95
N SER A 208 -19.38 -10.44 8.17
CA SER A 208 -20.22 -10.64 9.35
C SER A 208 -21.02 -9.38 9.60
N TYR A 209 -20.35 -8.24 9.40
CA TYR A 209 -21.01 -6.94 9.37
C TYR A 209 -22.27 -6.85 8.48
N GLY A 210 -22.19 -7.23 7.20
CA GLY A 210 -23.39 -7.27 6.30
C GLY A 210 -24.56 -8.11 6.81
N PHE A 211 -24.25 -9.23 7.48
CA PHE A 211 -25.31 -10.10 8.05
C PHE A 211 -26.04 -9.45 9.21
N ASN A 212 -25.30 -8.63 9.97
CA ASN A 212 -25.85 -7.82 11.09
C ASN A 212 -26.82 -6.73 10.61
N LEU A 213 -26.51 -6.10 9.46
CA LEU A 213 -27.45 -5.18 8.79
C LEU A 213 -28.74 -5.89 8.42
N MET A 214 -28.65 -7.11 7.86
CA MET A 214 -29.78 -7.99 7.55
C MET A 214 -30.65 -8.38 8.75
N VAL A 215 -30.03 -8.84 9.83
CA VAL A 215 -30.74 -9.18 11.07
C VAL A 215 -31.43 -7.94 11.62
N VAL A 216 -30.70 -6.82 11.71
CA VAL A 216 -31.32 -5.64 12.26
C VAL A 216 -32.48 -5.28 11.30
N TYR A 217 -32.21 -5.16 10.00
CA TYR A 217 -33.27 -4.82 9.03
C TYR A 217 -34.48 -5.73 9.24
N TYR A 218 -34.30 -7.04 9.23
CA TYR A 218 -35.37 -7.98 9.60
C TYR A 218 -36.12 -7.62 10.89
N LEU A 219 -35.38 -7.39 11.97
CA LEU A 219 -35.98 -7.11 13.30
C LEU A 219 -36.87 -5.89 13.32
N LEU A 220 -36.46 -4.90 12.54
CA LEU A 220 -37.13 -3.64 12.37
C LEU A 220 -38.40 -3.78 11.56
N GLN A 221 -38.48 -4.79 10.70
CA GLN A 221 -39.63 -5.00 9.81
C GLN A 221 -40.69 -5.81 10.55
N ARG A 222 -40.25 -6.51 11.61
CA ARG A 222 -41.17 -7.23 12.51
C ARG A 222 -41.65 -6.37 13.69
N ASN A 223 -41.15 -5.14 13.78
CA ASN A 223 -41.37 -4.26 14.92
C ASN A 223 -40.84 -4.70 16.29
N HIS A 224 -39.69 -5.40 16.31
CA HIS A 224 -38.99 -5.80 17.56
C HIS A 224 -37.93 -4.80 17.94
N LEU A 225 -37.79 -3.74 17.12
CA LEU A 225 -36.85 -2.65 17.38
C LEU A 225 -37.47 -1.40 16.83
N GLN A 226 -37.32 -0.29 17.56
CA GLN A 226 -37.64 1.05 17.04
C GLN A 226 -36.46 1.58 16.24
N PHE A 227 -36.77 2.21 15.09
CA PHE A 227 -35.79 2.80 14.18
C PHE A 227 -34.93 3.87 14.89
N VAL A 228 -33.62 3.82 14.65
CA VAL A 228 -32.66 4.85 15.10
C VAL A 228 -32.07 5.46 13.83
N PRO A 229 -32.39 6.74 13.53
CA PRO A 229 -31.71 7.36 12.37
C PRO A 229 -30.18 7.35 12.53
N PRO A 230 -29.42 6.92 11.51
CA PRO A 230 -27.94 6.89 11.54
C PRO A 230 -27.16 8.21 11.81
N SER A 231 -27.81 9.35 11.56
CA SER A 231 -27.22 10.66 11.78
C SER A 231 -27.18 11.07 13.28
N THR A 232 -27.96 10.40 14.13
CA THR A 232 -27.90 10.66 15.57
C THR A 232 -26.64 10.12 16.28
N ILE A 233 -25.84 9.31 15.57
CA ILE A 233 -24.61 8.73 16.14
C ILE A 233 -23.44 9.71 15.95
N ASP A 234 -22.84 10.08 17.06
CA ASP A 234 -21.83 11.14 17.09
C ASP A 234 -20.59 10.56 17.76
N VAL A 235 -19.48 10.55 17.03
CA VAL A 235 -18.21 10.01 17.53
C VAL A 235 -17.66 10.84 18.66
N SER A 236 -18.02 12.12 18.70
CA SER A 236 -17.56 12.99 19.78
C SER A 236 -18.22 12.64 21.11
N ARG A 237 -19.20 11.74 21.06
CA ARG A 237 -19.98 11.32 22.23
C ARG A 237 -19.86 9.85 22.63
N VAL A 238 -19.10 9.06 21.84
CA VAL A 238 -18.92 7.64 22.14
C VAL A 238 -17.69 7.41 23.01
N GLU A 239 -17.82 6.39 23.85
CA GLU A 239 -16.78 5.98 24.79
C GLU A 239 -15.72 5.24 23.99
N PRO A 240 -14.43 5.66 24.11
CA PRO A 240 -13.36 4.99 23.36
C PRO A 240 -13.29 3.48 23.57
N LEU A 241 -13.61 3.01 24.76
CA LEU A 241 -13.69 1.59 25.08
C LEU A 241 -14.91 1.42 25.97
N PRO A 242 -16.06 1.05 25.36
CA PRO A 242 -17.38 1.01 26.03
C PRO A 242 -17.63 -0.20 26.94
N PRO A 243 -18.63 -0.11 27.85
CA PRO A 243 -18.93 -1.10 28.90
C PRO A 243 -19.43 -2.49 28.43
N HIS A 244 -19.35 -3.45 29.34
CA HIS A 244 -19.83 -4.81 29.15
C HIS A 244 -21.35 -4.76 29.20
N LEU A 245 -22.00 -5.37 28.21
CA LEU A 245 -23.45 -5.58 28.26
C LEU A 245 -23.66 -7.05 28.50
N PRO A 246 -24.05 -7.43 29.73
CA PRO A 246 -24.08 -8.85 30.12
C PRO A 246 -25.06 -9.65 29.27
N LEU A 247 -24.70 -10.91 28.98
CA LEU A 247 -25.52 -11.81 28.21
C LEU A 247 -26.16 -12.86 29.12
N GLU A 248 -27.47 -12.92 29.15
CA GLU A 248 -28.16 -13.93 29.95
C GLU A 248 -28.41 -15.19 29.12
N GLU A 249 -28.56 -16.33 29.80
CA GLU A 249 -29.10 -17.53 29.18
C GLU A 249 -30.58 -17.29 28.91
N PRO A 250 -31.05 -17.68 27.71
CA PRO A 250 -32.51 -17.70 27.51
C PRO A 250 -33.22 -18.53 28.59
N ALA A 251 -34.20 -17.94 29.27
CA ALA A 251 -34.87 -18.62 30.40
C ALA A 251 -36.13 -19.41 30.02
N ASP A 252 -36.60 -19.21 28.78
CA ASP A 252 -37.73 -19.97 28.22
C ASP A 252 -37.30 -21.18 27.40
N GLU A 253 -36.10 -21.71 27.69
CA GLU A 253 -35.53 -22.85 26.98
C GLU A 253 -35.37 -22.65 25.44
N GLY A 254 -35.33 -21.38 25.03
CA GLY A 254 -35.04 -21.02 23.65
C GLY A 254 -36.24 -20.92 22.73
N LEU A 255 -37.44 -20.74 23.28
CA LEU A 255 -38.63 -20.66 22.43
C LEU A 255 -38.65 -19.35 21.65
N GLU A 256 -38.28 -18.26 22.32
CA GLU A 256 -38.19 -16.93 21.72
C GLU A 256 -37.26 -16.98 20.53
N LEU A 257 -36.19 -17.77 20.66
CA LEU A 257 -35.06 -17.84 19.73
C LEU A 257 -35.39 -18.58 18.44
N GLY A 258 -35.94 -19.79 18.55
CA GLY A 258 -36.10 -20.67 17.40
C GLY A 258 -37.27 -20.21 16.55
N THR A 259 -38.13 -19.41 17.17
CA THR A 259 -39.21 -18.71 16.50
C THR A 259 -38.65 -17.55 15.67
N GLN A 260 -37.57 -16.93 16.15
CA GLN A 260 -36.93 -15.78 15.49
C GLN A 260 -36.12 -16.25 14.28
N VAL A 261 -35.25 -17.23 14.52
CA VAL A 261 -34.54 -17.95 13.47
C VAL A 261 -35.45 -18.39 12.32
N LEU A 262 -36.54 -19.09 12.63
CA LEU A 262 -37.41 -19.63 11.62
C LEU A 262 -38.10 -18.53 10.83
N ASP A 263 -38.28 -17.39 11.47
CA ASP A 263 -38.94 -16.24 10.87
C ASP A 263 -37.95 -15.50 9.98
N PHE A 264 -36.76 -15.20 10.52
CA PHE A 264 -35.67 -14.59 9.79
C PHE A 264 -35.63 -15.23 8.42
N LEU A 265 -35.31 -16.52 8.40
CA LEU A 265 -35.25 -17.35 7.18
C LEU A 265 -36.49 -17.34 6.27
N HIS A 266 -37.70 -17.36 6.83
CA HIS A 266 -38.92 -17.16 6.04
C HIS A 266 -38.91 -15.77 5.35
N PHE A 267 -38.67 -14.71 6.14
CA PHE A 267 -38.57 -13.34 5.65
C PHE A 267 -37.57 -13.14 4.49
N PHE A 268 -36.36 -13.67 4.62
CA PHE A 268 -35.36 -13.53 3.55
C PHE A 268 -35.54 -14.43 2.33
N LEU A 269 -36.44 -15.43 2.44
CA LEU A 269 -36.76 -16.38 1.34
C LEU A 269 -38.03 -16.04 0.59
N HIS A 270 -39.09 -15.69 1.30
CA HIS A 270 -40.41 -15.44 0.71
C HIS A 270 -41.00 -14.07 0.98
N GLU A 271 -40.23 -13.16 1.58
CA GLU A 271 -40.75 -11.83 1.89
C GLU A 271 -39.88 -10.74 1.29
N PHE A 272 -38.56 -10.84 1.48
CA PHE A 272 -37.67 -9.90 0.82
C PHE A 272 -37.65 -10.13 -0.73
N ASP A 273 -38.06 -9.12 -1.50
CA ASP A 273 -37.99 -9.17 -2.98
C ASP A 273 -36.62 -8.69 -3.45
N SER A 274 -35.68 -9.60 -3.67
CA SER A 274 -34.29 -9.22 -3.96
C SER A 274 -34.16 -8.52 -5.29
N ASP A 275 -35.21 -8.56 -6.11
CA ASP A 275 -35.12 -8.00 -7.46
C ASP A 275 -35.49 -6.54 -7.49
N LYS A 276 -36.25 -6.10 -6.49
CA LYS A 276 -36.77 -4.75 -6.45
C LYS A 276 -36.31 -3.96 -5.23
N GLN A 277 -35.84 -4.64 -4.19
CA GLN A 277 -35.59 -4.02 -2.88
C GLN A 277 -34.15 -4.06 -2.39
N VAL A 278 -33.83 -3.08 -1.52
CA VAL A 278 -32.52 -2.93 -0.88
C VAL A 278 -32.63 -3.04 0.66
N ILE A 279 -31.75 -3.84 1.29
CA ILE A 279 -31.70 -3.95 2.74
C ILE A 279 -31.09 -2.65 3.27
N SER A 280 -31.88 -1.83 3.94
CA SER A 280 -31.39 -0.51 4.35
C SER A 280 -31.71 -0.09 5.79
N LEU A 281 -30.78 0.64 6.42
CA LEU A 281 -30.96 1.17 7.78
C LEU A 281 -30.96 2.68 7.81
N ASN A 282 -31.00 3.30 6.62
CA ASN A 282 -31.10 4.77 6.47
C ASN A 282 -32.51 5.33 6.59
N ARG A 283 -33.52 4.45 6.63
CA ARG A 283 -34.93 4.83 6.47
C ARG A 283 -35.77 3.80 7.16
N PRO A 284 -36.92 4.19 7.75
CA PRO A 284 -37.88 3.10 8.01
C PRO A 284 -38.63 2.73 6.70
N GLY A 285 -39.25 1.58 6.62
CA GLY A 285 -39.91 1.27 5.36
C GLY A 285 -38.94 0.90 4.24
N ILE A 286 -39.53 0.53 3.09
CA ILE A 286 -38.84 -0.06 1.93
C ILE A 286 -37.95 0.96 1.19
N THR A 287 -36.76 0.51 0.77
CA THR A 287 -35.86 1.23 -0.15
C THR A 287 -35.81 0.43 -1.47
N THR A 288 -35.83 1.12 -2.61
CA THR A 288 -35.85 0.46 -3.91
C THR A 288 -34.49 0.54 -4.60
N LYS A 289 -34.21 -0.47 -5.43
CA LYS A 289 -33.02 -0.50 -6.27
C LYS A 289 -33.10 0.63 -7.31
N GLU A 290 -34.32 0.93 -7.71
CA GLU A 290 -34.60 1.92 -8.73
C GLU A 290 -34.23 3.32 -8.25
N GLU A 291 -34.56 3.65 -6.99
CA GLU A 291 -34.30 5.02 -6.51
C GLU A 291 -32.82 5.31 -6.18
N LEU A 292 -32.01 4.26 -6.11
CA LEU A 292 -30.56 4.38 -5.92
C LEU A 292 -29.79 4.32 -7.25
N ASP A 293 -30.49 3.87 -8.32
CA ASP A 293 -29.90 3.46 -9.61
C ASP A 293 -28.98 2.24 -9.44
N TRP A 294 -29.51 1.24 -8.72
CA TRP A 294 -28.81 0.03 -8.43
C TRP A 294 -29.36 -1.07 -9.31
N THR A 295 -29.16 -0.89 -10.61
CA THR A 295 -29.84 -1.66 -11.68
C THR A 295 -28.82 -2.47 -12.51
N LYS A 296 -29.36 -3.32 -13.41
CA LYS A 296 -28.53 -4.02 -14.42
C LYS A 296 -27.73 -3.08 -15.32
N SER A 297 -28.37 -2.07 -15.92
CA SER A 297 -27.62 -1.07 -16.67
C SER A 297 -26.39 -0.56 -15.88
N ALA A 298 -26.57 -0.33 -14.58
CA ALA A 298 -25.59 0.34 -13.74
C ALA A 298 -24.40 -0.56 -13.48
N GLU A 299 -24.59 -1.87 -13.55
CA GLU A 299 -23.49 -2.83 -13.39
C GLU A 299 -22.38 -2.67 -14.46
N ASP A 300 -22.71 -2.12 -15.64
CA ASP A 300 -21.73 -1.88 -16.72
C ASP A 300 -20.78 -0.70 -16.37
N PHE A 301 -21.17 0.13 -15.41
CA PHE A 301 -20.44 1.38 -15.15
C PHE A 301 -19.84 1.46 -13.74
N ALA A 302 -20.36 0.64 -12.83
CA ALA A 302 -19.94 0.62 -11.41
C ALA A 302 -18.73 -0.30 -11.19
N ARG A 303 -17.67 0.24 -10.57
CA ARG A 303 -16.42 -0.50 -10.26
C ARG A 303 -15.93 -0.14 -8.85
N MET A 304 -15.30 -1.09 -8.16
CA MET A 304 -14.88 -0.92 -6.76
C MET A 304 -13.78 -1.90 -6.42
N ASN A 305 -12.54 -1.41 -6.35
CA ASN A 305 -11.34 -2.25 -6.28
C ASN A 305 -11.01 -2.76 -7.64
N GLY A 306 -10.96 -1.89 -8.65
CA GLY A 306 -10.69 -2.30 -10.04
C GLY A 306 -11.49 -3.50 -10.56
N GLU A 307 -12.73 -3.62 -10.07
CA GLU A 307 -13.59 -4.75 -10.35
C GLU A 307 -15.05 -4.34 -10.39
N LYS A 308 -15.85 -5.11 -11.12
CA LYS A 308 -17.29 -4.89 -11.33
C LYS A 308 -18.05 -4.96 -10.03
N VAL A 309 -19.15 -4.22 -9.91
CA VAL A 309 -19.99 -4.36 -8.75
C VAL A 309 -21.36 -4.86 -9.15
N HIS A 310 -21.88 -5.75 -8.31
CA HIS A 310 -23.06 -6.50 -8.62
C HIS A 310 -24.18 -5.97 -7.78
N TYR A 311 -25.37 -5.94 -8.36
CA TYR A 311 -26.53 -5.41 -7.66
C TYR A 311 -27.64 -6.46 -7.65
N GLN A 312 -27.24 -7.72 -7.42
CA GLN A 312 -28.12 -8.88 -7.25
C GLN A 312 -28.73 -8.98 -5.86
N TRP A 313 -27.95 -8.66 -4.83
CA TRP A 313 -28.40 -8.72 -3.45
C TRP A 313 -27.87 -7.44 -2.86
N CYS A 314 -28.78 -6.49 -2.66
CA CYS A 314 -28.40 -5.12 -2.38
C CYS A 314 -28.48 -4.78 -0.90
N ILE A 315 -27.36 -4.30 -0.32
CA ILE A 315 -27.31 -3.91 1.12
C ILE A 315 -26.68 -2.54 1.20
N GLU A 316 -27.41 -1.53 1.67
CA GLU A 316 -26.89 -0.18 1.60
C GLU A 316 -26.06 0.13 2.85
N ASP A 317 -24.78 0.54 2.70
CA ASP A 317 -24.03 1.00 3.88
C ASP A 317 -24.63 2.28 4.41
N PRO A 318 -24.85 2.35 5.73
CA PRO A 318 -25.51 3.51 6.36
C PRO A 318 -24.74 4.83 6.28
N TYR A 319 -23.44 4.78 6.06
CA TYR A 319 -22.58 5.94 6.22
C TYR A 319 -21.71 6.21 4.98
N GLU A 320 -21.40 5.17 4.22
CA GLU A 320 -20.57 5.35 3.01
C GLU A 320 -21.41 5.73 1.82
N LEU A 321 -20.83 6.46 0.86
CA LEU A 321 -21.55 6.94 -0.31
C LEU A 321 -21.72 5.85 -1.36
N ASN A 322 -22.97 5.40 -1.58
CA ASN A 322 -23.26 4.63 -2.78
C ASN A 322 -22.48 3.30 -2.71
N LEU A 323 -22.29 2.80 -1.50
CA LEU A 323 -21.55 1.56 -1.23
C LEU A 323 -22.52 0.40 -1.08
N ASN A 324 -22.31 -0.67 -1.88
CA ASN A 324 -23.15 -1.87 -1.76
C ASN A 324 -22.40 -2.90 -0.94
N VAL A 325 -22.94 -3.30 0.20
CA VAL A 325 -22.24 -4.28 1.04
C VAL A 325 -22.41 -5.69 0.45
N GLY A 326 -23.49 -5.93 -0.30
CA GLY A 326 -23.65 -7.18 -1.04
C GLY A 326 -23.15 -7.06 -2.47
N ARG A 327 -22.05 -6.34 -2.68
CA ARG A 327 -21.56 -6.04 -4.04
C ARG A 327 -20.77 -7.19 -4.65
N ASN A 328 -20.32 -8.13 -3.81
CA ASN A 328 -19.69 -9.41 -4.26
C ASN A 328 -20.63 -10.60 -4.42
N VAL A 329 -21.90 -10.39 -4.15
CA VAL A 329 -22.93 -11.40 -4.41
C VAL A 329 -23.22 -11.37 -5.94
N THR A 330 -22.46 -12.19 -6.65
CA THR A 330 -22.65 -12.39 -8.06
C THR A 330 -23.96 -13.15 -8.22
N PRO A 331 -24.46 -13.30 -9.46
CA PRO A 331 -25.63 -14.18 -9.58
C PRO A 331 -25.39 -15.64 -9.07
N LEU A 332 -24.20 -16.22 -9.29
CA LEU A 332 -23.79 -17.53 -8.64
C LEU A 332 -24.07 -17.56 -7.13
N LYS A 333 -23.54 -16.57 -6.43
CA LYS A 333 -23.65 -16.51 -4.96
C LYS A 333 -25.06 -16.14 -4.42
N ARG A 334 -25.85 -15.44 -5.21
CA ARG A 334 -27.27 -15.19 -4.85
C ARG A 334 -28.05 -16.50 -4.81
N ASP A 335 -27.85 -17.36 -5.80
CA ASP A 335 -28.33 -18.77 -5.82
C ASP A 335 -27.91 -19.64 -4.62
N PHE A 336 -26.63 -19.66 -4.28
CA PHE A 336 -26.14 -20.39 -3.10
C PHE A 336 -26.90 -19.97 -1.84
N LEU A 337 -27.16 -18.66 -1.71
CA LEU A 337 -27.75 -18.09 -0.48
C LEU A 337 -29.21 -18.52 -0.30
N ARG A 338 -30.01 -18.46 -1.36
CA ARG A 338 -31.33 -19.05 -1.35
C ARG A 338 -31.22 -20.50 -0.86
N ARG A 339 -30.42 -21.29 -1.58
CA ARG A 339 -30.23 -22.73 -1.32
C ARG A 339 -29.95 -23.00 0.15
N HIS A 340 -29.06 -22.22 0.76
CA HIS A 340 -28.67 -22.34 2.18
C HIS A 340 -29.72 -21.88 3.20
N LEU A 341 -30.44 -20.82 2.86
CA LEU A 341 -31.54 -20.36 3.69
C LEU A 341 -32.65 -21.40 3.78
N GLU A 342 -32.79 -22.24 2.75
CA GLU A 342 -33.78 -23.35 2.75
C GLU A 342 -33.31 -24.52 3.62
N LYS A 343 -32.03 -24.89 3.51
CA LYS A 343 -31.44 -25.94 4.33
C LYS A 343 -31.40 -25.67 5.85
N ALA A 344 -31.25 -24.40 6.24
CA ALA A 344 -31.26 -23.97 7.66
C ALA A 344 -32.60 -24.19 8.33
N ARG A 345 -33.68 -24.14 7.54
CA ARG A 345 -35.06 -24.37 8.01
C ARG A 345 -35.26 -25.73 8.62
N ASP A 346 -34.49 -26.71 8.13
CA ASP A 346 -34.62 -28.13 8.49
C ASP A 346 -33.60 -28.53 9.55
N THR A 347 -32.35 -28.08 9.39
CA THR A 347 -31.24 -28.47 10.29
C THR A 347 -31.03 -27.58 11.54
N ALA A 348 -32.03 -26.74 11.86
CA ALA A 348 -31.89 -25.67 12.88
C ALA A 348 -30.50 -25.01 12.81
N LEU A 349 -30.31 -24.19 11.76
CA LEU A 349 -28.98 -23.63 11.39
C LEU A 349 -27.80 -24.60 11.54
N LEU A 350 -27.91 -25.79 10.95
CA LEU A 350 -26.84 -26.81 10.99
C LEU A 350 -26.47 -27.28 12.42
N THR A 351 -27.50 -27.45 13.26
CA THR A 351 -27.33 -28.02 14.61
C THR A 351 -28.07 -29.35 14.85
N ILE A 352 -29.19 -29.59 14.16
CA ILE A 352 -29.91 -30.86 14.30
C ILE A 352 -29.92 -31.60 12.98
N PRO B 23 36.46 0.58 14.48
CA PRO B 23 36.49 1.73 13.58
C PRO B 23 35.27 2.64 13.78
N SER B 24 35.35 3.49 14.80
CA SER B 24 34.24 4.34 15.28
C SER B 24 33.55 5.18 14.18
N PRO B 25 32.27 5.56 14.43
CA PRO B 25 31.49 6.51 13.61
C PRO B 25 32.20 7.81 13.21
N ALA B 26 33.07 8.35 14.07
CA ALA B 26 33.83 9.57 13.76
C ALA B 26 34.94 9.32 12.73
N VAL B 27 35.72 8.26 12.96
CA VAL B 27 36.82 7.83 12.09
C VAL B 27 36.35 7.58 10.64
N VAL B 28 35.21 6.92 10.50
CA VAL B 28 34.62 6.61 9.20
C VAL B 28 34.30 7.90 8.42
N GLY B 29 33.66 8.86 9.09
CA GLY B 29 33.27 10.11 8.47
C GLY B 29 34.41 11.03 8.10
N ARG B 30 35.37 11.19 9.02
CA ARG B 30 36.60 11.94 8.77
C ARG B 30 37.20 11.48 7.46
N SER B 31 37.51 10.20 7.41
CA SER B 31 38.12 9.51 6.27
C SER B 31 37.30 9.70 4.98
N LEU B 32 35.98 9.74 5.13
CA LEU B 32 35.07 9.95 4.01
C LEU B 32 35.01 11.38 3.46
N VAL B 33 35.16 12.39 4.33
CA VAL B 33 35.23 13.79 3.86
C VAL B 33 36.55 14.13 3.11
N ASN B 34 37.64 13.50 3.51
CA ASN B 34 38.94 13.64 2.82
C ASN B 34 38.92 13.18 1.37
N SER B 35 38.31 12.02 1.12
CA SER B 35 38.15 11.47 -0.24
C SER B 35 37.36 12.42 -1.17
N PHE B 36 36.59 13.32 -0.55
CA PHE B 36 35.81 14.32 -1.25
C PHE B 36 36.44 15.73 -1.30
N LYS B 37 37.70 15.85 -0.85
CA LYS B 37 38.40 17.15 -0.83
C LYS B 37 38.65 17.67 -2.23
N GLN B 38 38.91 16.74 -3.16
CA GLN B 38 39.09 17.06 -4.57
C GLN B 38 37.77 17.51 -5.19
N PHE B 39 36.67 16.95 -4.68
CA PHE B 39 35.35 17.16 -5.25
C PHE B 39 34.85 18.60 -5.13
N VAL B 40 34.69 19.08 -3.89
CA VAL B 40 34.12 20.41 -3.59
C VAL B 40 34.96 21.60 -4.11
N SER B 41 36.18 21.29 -4.55
CA SER B 41 37.14 22.29 -5.01
C SER B 41 36.87 22.83 -6.41
N LYS B 42 36.10 22.07 -7.20
CA LYS B 42 35.74 22.46 -8.57
C LYS B 42 34.22 22.57 -8.73
N VAL B 49 27.17 22.51 -17.95
CA VAL B 49 25.94 21.74 -18.10
C VAL B 49 25.01 22.43 -19.10
N ASP B 50 24.95 23.76 -19.05
CA ASP B 50 24.16 24.52 -20.01
C ASP B 50 24.82 24.53 -21.39
N ALA B 51 26.15 24.65 -21.39
CA ALA B 51 26.97 24.60 -22.62
C ALA B 51 26.70 23.34 -23.45
N THR B 52 26.70 22.18 -22.77
CA THR B 52 26.33 20.90 -23.37
C THR B 52 24.86 20.90 -23.81
N TYR B 53 23.99 21.45 -22.97
CA TYR B 53 22.54 21.47 -23.24
C TYR B 53 22.15 22.14 -24.56
N ARG B 54 22.54 23.41 -24.75
CA ARG B 54 22.18 24.12 -25.98
C ARG B 54 22.93 23.58 -27.20
N LEU B 55 24.12 23.02 -26.97
CA LEU B 55 24.88 22.35 -28.04
C LEU B 55 24.09 21.18 -28.62
N VAL B 56 23.48 20.38 -27.76
CA VAL B 56 22.64 19.26 -28.19
C VAL B 56 21.31 19.80 -28.77
N LEU B 57 20.78 20.85 -28.13
CA LEU B 57 19.57 21.55 -28.60
C LEU B 57 19.76 22.06 -30.03
N ASP B 58 20.95 22.57 -30.32
CA ASP B 58 21.33 22.99 -31.67
C ASP B 58 21.14 21.89 -32.71
N CYS B 59 21.43 20.65 -32.33
CA CYS B 59 21.34 19.50 -33.24
C CYS B 59 19.93 18.95 -33.37
N VAL B 60 19.11 19.23 -32.34
CA VAL B 60 17.71 18.85 -32.36
C VAL B 60 16.93 19.85 -33.25
N ALA B 61 17.45 21.07 -33.34
CA ALA B 61 16.94 22.07 -34.29
C ALA B 61 17.02 21.59 -35.75
N ALA B 62 18.12 20.94 -36.09
CA ALA B 62 18.40 20.45 -37.44
C ALA B 62 17.61 19.19 -37.84
N VAL B 63 16.80 18.66 -36.93
CA VAL B 63 16.06 17.41 -37.21
C VAL B 63 14.55 17.63 -37.11
N ASP B 64 14.11 18.14 -35.95
CA ASP B 64 12.71 18.47 -35.72
C ASP B 64 12.74 19.77 -34.93
N PRO B 65 12.35 20.89 -35.56
CA PRO B 65 12.48 22.23 -34.95
C PRO B 65 11.57 22.43 -33.73
N LEU B 66 10.39 21.79 -33.78
CA LEU B 66 9.40 21.78 -32.69
C LEU B 66 9.84 20.98 -31.44
N MET B 67 10.72 20.00 -31.65
CA MET B 67 11.07 18.99 -30.64
C MET B 67 11.88 19.49 -29.43
N ARG B 68 11.42 19.10 -28.24
CA ARG B 68 11.98 19.54 -26.95
C ARG B 68 12.99 18.54 -26.31
N LEU B 69 13.81 19.06 -25.39
CA LEU B 69 14.88 18.32 -24.71
C LEU B 69 14.80 18.42 -23.18
N TYR B 70 15.08 17.32 -22.50
CA TYR B 70 15.04 17.27 -21.03
C TYR B 70 16.31 16.64 -20.43
N THR B 71 16.85 17.30 -19.39
CA THR B 71 17.92 16.76 -18.53
C THR B 71 17.36 15.77 -17.49
N PHE B 72 18.12 14.71 -17.20
CA PHE B 72 17.87 13.85 -16.05
C PHE B 72 19.15 13.21 -15.51
N GLY B 73 19.01 12.13 -14.76
CA GLY B 73 20.17 11.48 -14.15
C GLY B 73 20.66 12.22 -12.93
N SER B 74 21.89 11.93 -12.50
CA SER B 74 22.44 12.41 -11.23
C SER B 74 22.54 13.93 -11.12
N THR B 75 22.60 14.59 -12.27
CA THR B 75 22.68 16.04 -12.35
C THR B 75 21.38 16.68 -11.91
N VAL B 76 20.26 16.06 -12.27
CA VAL B 76 18.95 16.44 -11.76
C VAL B 76 18.83 15.93 -10.32
N VAL B 77 19.11 14.65 -10.09
CA VAL B 77 19.03 14.08 -8.73
C VAL B 77 19.76 14.92 -7.69
N TYR B 78 21.07 15.16 -7.89
CA TYR B 78 21.86 15.89 -6.88
C TYR B 78 21.77 17.43 -6.93
N GLY B 79 21.60 17.97 -8.14
CA GLY B 79 21.67 19.42 -8.38
C GLY B 79 23.11 19.92 -8.40
N VAL B 80 24.03 19.00 -8.69
CA VAL B 80 25.47 19.28 -8.81
C VAL B 80 26.12 18.47 -9.93
N HIS B 81 27.30 18.94 -10.38
CA HIS B 81 28.04 18.38 -11.50
C HIS B 81 29.46 18.95 -11.55
N GLU B 82 30.44 18.05 -11.62
CA GLU B 82 31.79 18.39 -12.09
C GLU B 82 31.71 18.56 -13.62
N LYS B 83 32.59 19.35 -14.21
CA LYS B 83 32.57 19.57 -15.68
C LYS B 83 33.08 18.36 -16.51
N GLY B 84 32.73 17.13 -16.12
CA GLY B 84 33.28 15.91 -16.72
C GLY B 84 32.46 14.62 -16.78
N SER B 85 31.66 14.34 -15.73
CA SER B 85 30.83 13.11 -15.67
C SER B 85 29.59 13.25 -16.53
N ASP B 86 28.89 12.15 -16.81
CA ASP B 86 27.86 12.22 -17.84
C ASP B 86 26.54 12.89 -17.43
N VAL B 87 25.98 13.63 -18.38
CA VAL B 87 24.68 14.29 -18.25
C VAL B 87 23.73 13.55 -19.18
N ASP B 88 22.47 13.43 -18.80
CA ASP B 88 21.54 12.66 -19.60
C ASP B 88 20.46 13.55 -20.21
N PHE B 89 20.13 13.24 -21.46
CA PHE B 89 19.16 14.00 -22.23
C PHE B 89 18.14 13.04 -22.83
N VAL B 90 16.91 13.51 -22.95
CA VAL B 90 15.83 12.79 -23.64
C VAL B 90 15.14 13.79 -24.57
N VAL B 91 14.63 13.29 -25.68
CA VAL B 91 14.01 14.11 -26.70
C VAL B 91 12.50 13.82 -26.72
N LEU B 92 11.69 14.87 -26.60
CA LEU B 92 10.25 14.69 -26.40
C LEU B 92 9.39 15.59 -27.29
N ASN B 93 8.31 15.02 -27.82
CA ASN B 93 7.26 15.81 -28.48
C ASN B 93 6.51 16.70 -27.50
N LYS B 94 5.79 17.70 -28.03
CA LYS B 94 4.96 18.59 -27.22
C LYS B 94 3.85 17.78 -26.59
N THR B 95 3.45 16.72 -27.29
CA THR B 95 2.31 15.89 -26.91
C THR B 95 2.65 14.90 -25.77
N ASP B 96 3.91 14.41 -25.77
CA ASP B 96 4.45 13.52 -24.74
C ASP B 96 4.52 14.19 -23.38
N VAL B 97 4.86 15.49 -23.38
CA VAL B 97 4.87 16.36 -22.20
C VAL B 97 3.46 16.57 -21.64
N GLU B 98 2.48 16.73 -22.54
CA GLU B 98 1.07 16.92 -22.17
C GLU B 98 0.45 15.68 -21.51
N ASP B 99 0.94 14.50 -21.91
CA ASP B 99 0.61 13.23 -21.28
C ASP B 99 1.71 12.91 -20.23
N GLY B 100 1.91 13.83 -19.29
CA GLY B 100 3.11 13.85 -18.44
C GLY B 100 3.23 12.84 -17.30
N LYS B 101 2.14 12.12 -17.02
CA LYS B 101 2.12 11.11 -15.98
C LYS B 101 1.90 9.71 -16.55
N GLY B 102 2.01 9.57 -17.88
CA GLY B 102 1.70 8.31 -18.55
C GLY B 102 2.93 7.44 -18.80
N GLY B 103 2.75 6.13 -18.70
CA GLY B 103 3.85 5.16 -18.83
C GLY B 103 4.55 5.10 -20.20
N ASP B 104 5.68 4.39 -20.23
CA ASP B 104 6.44 4.19 -21.47
C ASP B 104 6.17 2.81 -22.08
N ALA B 105 6.10 2.78 -23.41
CA ALA B 105 5.83 1.56 -24.19
C ALA B 105 7.01 0.58 -24.15
N ALA B 106 6.69 -0.72 -24.03
CA ALA B 106 7.69 -1.80 -24.04
C ALA B 106 7.75 -2.57 -25.37
N THR B 107 6.81 -2.27 -26.26
CA THR B 107 6.64 -2.90 -27.57
C THR B 107 7.82 -2.74 -28.54
N GLN B 108 7.90 -3.60 -29.55
CA GLN B 108 8.98 -3.55 -30.54
C GLN B 108 8.87 -2.35 -31.47
N VAL B 109 7.66 -2.07 -31.95
CA VAL B 109 7.35 -0.90 -32.76
C VAL B 109 7.82 0.45 -32.16
N ALA B 110 7.47 0.69 -30.89
CA ALA B 110 7.84 1.92 -30.19
C ALA B 110 9.30 1.90 -29.74
N LYS B 111 9.94 0.73 -29.83
CA LYS B 111 11.38 0.61 -29.64
C LYS B 111 12.12 0.75 -30.99
N GLY B 112 11.35 0.74 -32.07
CA GLY B 112 11.85 0.97 -33.43
C GLY B 112 11.95 2.45 -33.73
N LEU B 113 10.91 3.20 -33.37
CA LEU B 113 10.86 4.63 -33.63
C LEU B 113 11.94 5.41 -32.86
N GLN B 114 12.41 4.83 -31.76
CA GLN B 114 13.45 5.43 -30.93
C GLN B 114 14.81 5.28 -31.61
N ALA B 115 15.02 4.13 -32.23
CA ALA B 115 16.24 3.83 -32.98
C ALA B 115 16.34 4.64 -34.28
N ASP B 116 15.20 5.11 -34.81
CA ASP B 116 15.21 6.00 -35.98
C ASP B 116 14.61 7.40 -35.79
N ILE B 117 14.95 8.01 -34.65
CA ILE B 117 14.95 9.47 -34.50
C ILE B 117 16.33 9.84 -33.99
N LEU B 118 16.92 8.96 -33.18
CA LEU B 118 18.28 9.13 -32.66
C LEU B 118 19.30 8.86 -33.77
N ALA B 119 18.89 8.05 -34.74
CA ALA B 119 19.68 7.67 -35.92
C ALA B 119 20.12 8.89 -36.72
N LYS B 120 19.16 9.80 -36.94
CA LYS B 120 19.39 11.06 -37.63
C LYS B 120 20.14 12.02 -36.71
N LEU B 121 19.70 12.06 -35.46
CA LEU B 121 20.26 12.96 -34.45
C LEU B 121 21.75 12.71 -34.20
N ALA B 122 22.18 11.45 -34.27
CA ALA B 122 23.60 11.10 -34.18
C ALA B 122 24.40 11.53 -35.41
N ARG B 123 23.79 11.38 -36.59
CA ARG B 123 24.35 11.81 -37.90
C ARG B 123 24.62 13.30 -37.90
N VAL B 124 23.62 14.09 -37.53
CA VAL B 124 23.73 15.54 -37.45
C VAL B 124 24.83 16.00 -36.49
N ILE B 125 24.99 15.28 -35.37
CA ILE B 125 26.02 15.59 -34.37
C ILE B 125 27.41 15.29 -34.91
N ARG B 126 27.49 14.28 -35.77
CA ARG B 126 28.77 13.87 -36.35
C ARG B 126 29.28 14.93 -37.33
N GLN B 127 28.42 15.34 -38.26
CA GLN B 127 28.77 16.32 -39.27
C GLN B 127 29.17 17.62 -38.61
N LYS B 128 28.21 18.20 -37.86
CA LYS B 128 28.45 19.42 -37.10
C LYS B 128 29.71 19.27 -36.22
N HIS B 129 29.67 18.36 -35.24
CA HIS B 129 30.81 18.15 -34.35
C HIS B 129 31.66 16.97 -34.80
N LEU B 130 32.84 17.30 -35.35
CA LEU B 130 33.66 16.35 -36.10
C LEU B 130 34.59 15.52 -35.21
N SER B 131 34.99 16.11 -34.08
CA SER B 131 35.96 15.50 -33.17
C SER B 131 35.27 14.70 -32.04
N TRP B 132 33.96 14.52 -32.21
CA TRP B 132 33.16 13.83 -31.22
C TRP B 132 33.04 12.35 -31.55
N ASN B 133 33.42 11.52 -30.57
CA ASN B 133 33.11 10.11 -30.57
C ASN B 133 31.61 9.98 -30.31
N VAL B 134 30.89 9.39 -31.26
CA VAL B 134 29.45 9.19 -31.16
C VAL B 134 29.14 7.79 -31.67
N GLU B 135 28.60 6.93 -30.80
CA GLU B 135 27.97 5.70 -31.27
C GLU B 135 26.71 5.31 -30.51
N GLU B 136 25.75 4.79 -31.27
CA GLU B 136 24.44 4.40 -30.79
C GLU B 136 24.35 2.92 -30.40
N VAL B 137 23.65 2.67 -29.31
CA VAL B 137 23.34 1.33 -28.83
C VAL B 137 21.90 1.07 -29.23
N ARG B 138 21.64 -0.02 -29.94
CA ARG B 138 20.27 -0.36 -30.36
C ARG B 138 19.79 -1.71 -29.84
N ARG B 139 20.71 -2.49 -29.26
CA ARG B 139 20.40 -3.82 -28.74
C ARG B 139 19.69 -3.82 -27.37
N THR B 140 19.70 -2.67 -26.67
CA THR B 140 19.27 -2.62 -25.26
C THR B 140 17.77 -2.39 -25.12
N ARG B 141 17.26 -2.62 -23.91
CA ARG B 141 15.85 -2.40 -23.57
C ARG B 141 15.46 -0.94 -23.80
N VAL B 142 16.43 -0.05 -23.57
CA VAL B 142 16.28 1.38 -23.81
C VAL B 142 17.38 1.87 -24.76
N PRO B 143 17.13 1.90 -26.10
CA PRO B 143 18.07 2.46 -27.06
C PRO B 143 18.56 3.83 -26.62
N VAL B 144 19.86 4.02 -26.75
CA VAL B 144 20.55 5.22 -26.27
C VAL B 144 21.76 5.53 -27.19
N VAL B 145 22.10 6.81 -27.33
CA VAL B 145 23.30 7.21 -28.03
C VAL B 145 24.29 7.72 -26.97
N ARG B 146 25.46 7.09 -26.90
CA ARG B 146 26.53 7.53 -25.98
C ARG B 146 27.50 8.46 -26.73
N VAL B 147 27.78 9.63 -26.17
CA VAL B 147 28.61 10.64 -26.83
C VAL B 147 29.72 11.15 -25.90
N LYS B 148 30.96 11.17 -26.40
CA LYS B 148 32.13 11.73 -25.69
C LYS B 148 32.91 12.63 -26.64
N GLY B 149 33.14 13.88 -26.23
CA GLY B 149 33.70 14.90 -27.10
C GLY B 149 35.22 15.02 -27.11
N GLY B 150 35.74 15.76 -26.13
CA GLY B 150 37.18 15.84 -25.89
C GLY B 150 37.48 15.27 -24.51
N GLY B 151 37.90 16.15 -23.60
CA GLY B 151 38.04 15.81 -22.19
C GLY B 151 36.68 15.56 -21.57
N ALA B 152 36.12 14.39 -21.90
CA ALA B 152 34.87 13.87 -21.33
C ALA B 152 33.64 14.81 -21.31
N VAL B 153 33.34 15.46 -22.44
CA VAL B 153 32.03 16.13 -22.59
C VAL B 153 31.00 15.01 -22.80
N ASP B 154 30.58 14.40 -21.69
CA ASP B 154 29.87 13.13 -21.68
C ASP B 154 28.37 13.31 -21.65
N PHE B 155 27.66 12.64 -22.55
CA PHE B 155 26.20 12.54 -22.47
C PHE B 155 25.57 11.38 -23.22
N ASP B 156 24.48 10.87 -22.65
CA ASP B 156 23.66 9.86 -23.30
C ASP B 156 22.38 10.53 -23.77
N ILE B 157 21.86 10.12 -24.92
CA ILE B 157 20.57 10.63 -25.37
C ILE B 157 19.62 9.50 -25.80
N THR B 158 18.40 9.53 -25.26
CA THR B 158 17.36 8.58 -25.67
C THR B 158 16.15 9.39 -26.17
N ALA B 159 15.00 8.74 -26.35
CA ALA B 159 13.87 9.41 -27.01
C ALA B 159 12.47 8.89 -26.66
N TYR B 160 11.54 9.82 -26.43
CA TYR B 160 10.09 9.57 -26.27
C TYR B 160 9.72 8.85 -24.97
N ARG B 161 10.65 8.90 -24.01
CA ARG B 161 10.49 8.22 -22.73
C ARG B 161 10.37 9.24 -21.60
N ARG B 162 9.43 9.01 -20.70
CA ARG B 162 9.18 9.88 -19.54
C ARG B 162 9.73 9.33 -18.22
N ASN B 163 9.78 8.01 -18.07
CA ASN B 163 10.19 7.35 -16.82
C ASN B 163 11.49 7.91 -16.21
N GLY B 164 12.57 7.94 -16.99
CA GLY B 164 13.86 8.47 -16.53
C GLY B 164 13.84 9.88 -15.96
N VAL B 165 13.18 10.82 -16.65
CA VAL B 165 13.07 12.20 -16.16
C VAL B 165 12.14 12.22 -14.96
N ARG B 166 11.21 11.28 -14.95
CA ARG B 166 10.18 11.25 -13.93
C ARG B 166 10.64 10.59 -12.61
N ASN B 167 11.64 9.70 -12.65
CA ASN B 167 12.22 9.19 -11.42
C ASN B 167 13.39 10.03 -10.90
N SER B 168 13.94 10.89 -11.77
CA SER B 168 15.00 11.84 -11.39
C SER B 168 14.41 12.96 -10.57
N ALA B 169 13.27 13.46 -11.01
CA ALA B 169 12.42 14.41 -10.29
C ALA B 169 11.98 13.87 -8.92
N LEU B 170 11.69 12.57 -8.85
CA LEU B 170 11.28 11.92 -7.60
C LEU B 170 12.35 12.00 -6.55
N LEU B 171 13.58 11.62 -6.93
CA LEU B 171 14.72 11.48 -6.02
C LEU B 171 15.30 12.84 -5.71
N ARG B 172 15.22 13.74 -6.69
CA ARG B 172 15.40 15.18 -6.45
C ARG B 172 14.55 15.60 -5.26
N ALA B 173 13.22 15.43 -5.34
CA ALA B 173 12.34 15.83 -4.23
C ALA B 173 12.80 15.28 -2.86
N TYR B 174 13.22 14.01 -2.86
CA TYR B 174 13.62 13.29 -1.66
C TYR B 174 14.85 13.86 -0.96
N PHE B 175 15.90 14.17 -1.73
CA PHE B 175 17.14 14.75 -1.22
C PHE B 175 16.98 16.24 -0.92
N GLU B 176 15.82 16.81 -1.27
CA GLU B 176 15.49 18.22 -1.02
C GLU B 176 14.80 18.36 0.32
N GLN B 177 14.24 17.26 0.81
CA GLN B 177 13.76 17.19 2.18
C GLN B 177 14.95 17.30 3.15
N ASN B 178 16.02 16.62 2.79
CA ASN B 178 17.22 16.49 3.63
C ASN B 178 18.50 16.57 2.78
N PRO B 179 18.90 17.79 2.36
CA PRO B 179 20.13 17.99 1.55
C PRO B 179 21.41 17.25 1.98
N PRO B 180 21.77 17.28 3.28
CA PRO B 180 23.00 16.55 3.72
C PRO B 180 23.00 15.04 3.44
N CYS B 181 21.89 14.49 2.96
CA CYS B 181 21.78 13.07 2.66
C CYS B 181 22.28 12.75 1.26
N ARG B 182 22.67 13.78 0.52
CA ARG B 182 23.31 13.58 -0.76
C ARG B 182 24.69 12.97 -0.57
N TRP B 183 25.29 13.19 0.59
CA TRP B 183 26.63 12.69 0.92
C TRP B 183 26.65 11.19 1.12
N LEU B 184 25.56 10.65 1.69
CA LEU B 184 25.45 9.22 1.88
C LEU B 184 25.32 8.58 0.51
N SER B 185 24.54 9.23 -0.34
CA SER B 185 24.31 8.76 -1.71
C SER B 185 25.59 8.78 -2.55
N MET B 186 26.40 9.82 -2.41
CA MET B 186 27.58 9.95 -3.25
C MET B 186 28.66 8.97 -2.86
N SER B 187 28.79 8.70 -1.56
CA SER B 187 29.75 7.74 -1.01
C SER B 187 29.53 6.32 -1.50
N ILE B 188 28.26 5.91 -1.53
CA ILE B 188 27.84 4.58 -1.96
C ILE B 188 27.95 4.40 -3.48
N LYS B 189 27.79 5.49 -4.24
CA LYS B 189 27.95 5.49 -5.72
C LYS B 189 29.40 5.29 -6.14
N ARG B 190 30.30 6.03 -5.52
CA ARG B 190 31.72 5.86 -5.75
C ARG B 190 32.12 4.44 -5.36
N TRP B 191 31.68 3.98 -4.18
CA TRP B 191 32.03 2.66 -3.65
C TRP B 191 31.52 1.50 -4.50
N SER B 192 30.29 1.61 -5.01
CA SER B 192 29.76 0.59 -5.88
C SER B 192 30.58 0.46 -7.17
N LYS B 193 31.25 1.54 -7.56
CA LYS B 193 32.04 1.48 -8.77
C LYS B 193 33.39 0.84 -8.47
N GLN B 194 34.05 1.34 -7.42
CA GLN B 194 35.28 0.80 -6.88
C GLN B 194 35.26 -0.72 -6.67
N THR B 195 34.14 -1.25 -6.17
CA THR B 195 34.01 -2.70 -5.86
C THR B 195 33.63 -3.60 -7.04
N GLY B 196 33.18 -2.99 -8.14
CA GLY B 196 32.75 -3.74 -9.33
C GLY B 196 31.28 -4.14 -9.31
N LEU B 197 30.63 -3.89 -8.16
CA LEU B 197 29.17 -4.12 -7.97
C LEU B 197 28.29 -3.32 -8.93
N ASN B 198 28.69 -2.10 -9.28
CA ASN B 198 27.92 -1.23 -10.18
C ASN B 198 27.83 -1.84 -11.56
N ALA B 199 26.67 -1.71 -12.20
CA ALA B 199 26.42 -2.27 -13.54
C ALA B 199 27.20 -1.60 -14.69
N SER B 200 27.70 -0.40 -14.47
CA SER B 200 28.56 0.32 -15.43
C SER B 200 29.96 -0.32 -15.59
N VAL B 201 30.33 -1.14 -14.62
CA VAL B 201 31.63 -1.84 -14.58
C VAL B 201 31.41 -3.30 -14.99
N ILE B 202 32.45 -3.91 -15.57
CA ILE B 202 32.39 -5.29 -16.09
C ILE B 202 32.03 -6.32 -15.00
N GLY B 203 30.95 -7.06 -15.22
CA GLY B 203 30.45 -8.07 -14.28
C GLY B 203 29.47 -7.55 -13.25
N GLY B 204 29.09 -6.28 -13.38
CA GLY B 204 28.26 -5.59 -12.38
C GLY B 204 26.76 -5.83 -12.50
N SER B 205 26.10 -5.83 -11.35
CA SER B 205 24.69 -6.25 -11.22
C SER B 205 23.65 -5.18 -10.87
N ILE B 206 24.03 -4.10 -10.17
CA ILE B 206 23.06 -3.05 -9.81
C ILE B 206 23.51 -1.72 -10.37
N THR B 207 22.58 -0.93 -10.91
CA THR B 207 22.92 0.40 -11.41
C THR B 207 23.02 1.43 -10.29
N SER B 208 23.54 2.61 -10.64
CA SER B 208 23.67 3.73 -9.72
C SER B 208 22.28 4.14 -9.24
N TYR B 209 21.29 3.91 -10.11
CA TYR B 209 19.92 4.23 -9.82
C TYR B 209 19.33 3.21 -8.82
N GLY B 210 19.74 1.95 -8.95
CA GLY B 210 19.36 0.90 -8.01
C GLY B 210 19.86 1.24 -6.61
N PHE B 211 21.10 1.68 -6.53
CA PHE B 211 21.68 2.03 -5.24
C PHE B 211 20.96 3.21 -4.58
N ASN B 212 20.62 4.24 -5.37
CA ASN B 212 19.90 5.44 -4.85
C ASN B 212 18.57 5.13 -4.18
N LEU B 213 17.84 4.20 -4.79
CA LEU B 213 16.61 3.65 -4.28
C LEU B 213 16.83 2.85 -2.99
N MET B 214 17.90 2.07 -2.90
CA MET B 214 18.28 1.43 -1.62
C MET B 214 18.50 2.48 -0.58
N VAL B 215 19.30 3.49 -0.91
CA VAL B 215 19.59 4.59 0.02
C VAL B 215 18.32 5.28 0.55
N VAL B 216 17.49 5.74 -0.36
CA VAL B 216 16.29 6.42 0.03
C VAL B 216 15.38 5.49 0.83
N TYR B 217 15.33 4.21 0.45
CA TYR B 217 14.46 3.21 1.13
C TYR B 217 14.85 3.04 2.58
N TYR B 218 16.15 3.04 2.81
CA TYR B 218 16.71 2.89 4.14
C TYR B 218 16.42 4.13 4.98
N LEU B 219 16.51 5.31 4.33
CA LEU B 219 16.29 6.62 4.97
C LEU B 219 14.84 6.89 5.36
N LEU B 220 13.91 6.32 4.59
CA LEU B 220 12.51 6.33 4.91
C LEU B 220 12.29 5.53 6.18
N GLN B 221 12.87 4.34 6.23
CA GLN B 221 12.66 3.38 7.34
C GLN B 221 13.10 3.95 8.67
N ARG B 222 14.06 4.87 8.66
CA ARG B 222 14.52 5.50 9.88
C ARG B 222 13.72 6.76 10.17
N ASN B 223 13.08 7.32 9.14
CA ASN B 223 12.30 8.54 9.32
C ASN B 223 13.14 9.78 9.11
N HIS B 224 14.35 9.58 8.58
CA HIS B 224 15.11 10.71 8.11
C HIS B 224 14.43 11.40 6.89
N LEU B 225 13.47 10.70 6.25
CA LEU B 225 12.68 11.20 5.10
C LEU B 225 11.18 10.91 5.26
N GLN B 226 10.34 11.66 4.54
CA GLN B 226 8.89 11.42 4.54
C GLN B 226 8.38 11.02 3.15
N PHE B 227 7.46 10.06 3.15
CA PHE B 227 6.98 9.50 1.93
C PHE B 227 6.35 10.50 0.96
N VAL B 228 6.62 10.30 -0.33
CA VAL B 228 6.09 11.08 -1.44
C VAL B 228 5.62 10.07 -2.49
N PRO B 229 4.33 10.06 -2.84
CA PRO B 229 3.89 9.08 -3.83
C PRO B 229 4.52 9.37 -5.20
N PRO B 230 5.00 8.34 -5.90
CA PRO B 230 5.55 8.54 -7.24
C PRO B 230 4.55 9.12 -8.24
N SER B 231 3.26 8.81 -8.10
CA SER B 231 2.22 9.27 -9.01
C SER B 231 2.01 10.77 -8.98
N THR B 232 2.53 11.39 -7.93
CA THR B 232 2.60 12.84 -7.77
C THR B 232 3.39 13.56 -8.88
N ILE B 233 4.49 12.94 -9.33
CA ILE B 233 5.49 13.59 -10.22
C ILE B 233 5.03 13.70 -11.68
N ASP B 234 4.89 14.94 -12.16
CA ASP B 234 4.34 15.25 -13.50
C ASP B 234 5.37 15.96 -14.40
N VAL B 235 5.60 15.40 -15.58
CA VAL B 235 6.57 15.94 -16.56
C VAL B 235 6.24 17.36 -17.10
N SER B 236 4.97 17.76 -16.99
CA SER B 236 4.52 19.08 -17.43
C SER B 236 4.87 20.15 -16.43
N ARG B 237 5.16 19.76 -15.19
CA ARG B 237 5.44 20.72 -14.11
C ARG B 237 6.93 20.81 -13.77
N VAL B 238 7.78 20.07 -14.50
CA VAL B 238 9.23 20.04 -14.24
C VAL B 238 10.08 20.74 -15.32
N GLU B 239 11.16 21.40 -14.90
CA GLU B 239 12.06 22.13 -15.79
C GLU B 239 12.99 21.20 -16.61
N PRO B 240 13.19 21.53 -17.90
CA PRO B 240 14.17 20.79 -18.69
C PRO B 240 15.62 21.00 -18.25
N LEU B 241 15.91 22.07 -17.49
CA LEU B 241 17.26 22.35 -16.95
C LEU B 241 17.09 22.88 -15.54
N PRO B 242 16.98 21.99 -14.53
CA PRO B 242 16.66 22.45 -13.17
C PRO B 242 17.80 23.27 -12.56
N PRO B 243 17.47 24.17 -11.61
CA PRO B 243 18.49 25.02 -10.99
C PRO B 243 19.60 24.23 -10.29
N HIS B 244 20.66 24.95 -9.91
CA HIS B 244 21.75 24.43 -9.10
C HIS B 244 21.27 24.35 -7.64
N LEU B 245 21.78 23.37 -6.89
CA LEU B 245 21.48 23.21 -5.46
C LEU B 245 22.77 23.02 -4.68
N PRO B 246 23.23 24.08 -3.98
CA PRO B 246 24.56 24.17 -3.35
C PRO B 246 24.85 23.05 -2.37
N LEU B 247 26.10 22.58 -2.31
CA LEU B 247 26.49 21.50 -1.42
C LEU B 247 27.42 21.95 -0.30
N GLU B 248 26.89 22.09 0.92
CA GLU B 248 27.70 22.47 2.08
C GLU B 248 28.46 21.25 2.57
N GLU B 249 29.78 21.33 2.60
CA GLU B 249 30.59 20.28 3.22
C GLU B 249 30.08 19.93 4.62
N PRO B 250 30.09 18.64 5.00
CA PRO B 250 29.60 18.28 6.33
C PRO B 250 30.05 19.26 7.42
N ALA B 251 29.09 19.73 8.23
CA ALA B 251 29.37 20.60 9.37
C ALA B 251 29.86 19.76 10.54
N ASP B 252 29.28 18.56 10.64
CA ASP B 252 29.53 17.60 11.72
C ASP B 252 31.00 17.17 11.82
N GLU B 253 31.79 17.53 10.80
CA GLU B 253 33.16 17.05 10.60
C GLU B 253 33.13 15.56 10.15
N GLY B 254 32.10 15.25 9.36
CA GLY B 254 31.85 13.90 8.86
C GLY B 254 31.32 12.92 9.89
N LEU B 255 30.74 13.42 10.98
CA LEU B 255 30.24 12.54 12.04
C LEU B 255 28.89 11.91 11.71
N GLU B 256 27.93 12.74 11.28
CA GLU B 256 26.61 12.22 10.89
C GLU B 256 26.70 11.31 9.67
N LEU B 257 27.53 11.72 8.70
CA LEU B 257 27.87 10.90 7.53
C LEU B 257 28.38 9.51 7.93
N GLY B 258 29.33 9.48 8.87
CA GLY B 258 29.93 8.24 9.38
C GLY B 258 28.94 7.31 10.04
N THR B 259 28.09 7.87 10.90
CA THR B 259 27.05 7.12 11.61
C THR B 259 25.96 6.59 10.68
N GLN B 260 25.56 7.42 9.71
CA GLN B 260 24.60 7.03 8.68
C GLN B 260 25.14 5.91 7.79
N VAL B 261 26.39 6.02 7.34
CA VAL B 261 27.04 5.00 6.50
C VAL B 261 27.12 3.63 7.18
N LEU B 262 27.68 3.58 8.38
CA LEU B 262 27.77 2.35 9.17
C LEU B 262 26.41 1.73 9.46
N ASP B 263 25.42 2.58 9.71
CA ASP B 263 24.04 2.16 9.94
C ASP B 263 23.31 1.68 8.67
N PHE B 264 23.65 2.25 7.51
CA PHE B 264 23.11 1.82 6.23
C PHE B 264 23.54 0.38 5.94
N LEU B 265 24.83 0.11 6.18
CA LEU B 265 25.46 -1.21 5.99
C LEU B 265 24.89 -2.23 6.99
N HIS B 266 24.65 -1.77 8.22
CA HIS B 266 24.02 -2.60 9.24
C HIS B 266 22.64 -2.98 8.81
N PHE B 267 21.89 -2.00 8.29
CA PHE B 267 20.50 -2.23 7.85
C PHE B 267 20.38 -3.28 6.78
N PHE B 268 21.18 -3.16 5.72
CA PHE B 268 21.12 -4.08 4.58
C PHE B 268 21.90 -5.35 4.81
N LEU B 269 22.35 -5.57 6.05
CA LEU B 269 23.01 -6.81 6.44
C LEU B 269 22.18 -7.58 7.45
N HIS B 270 21.60 -6.87 8.41
CA HIS B 270 21.03 -7.50 9.59
C HIS B 270 19.55 -7.13 9.85
N GLU B 271 19.06 -6.08 9.21
CA GLU B 271 17.64 -5.73 9.34
C GLU B 271 16.80 -6.03 8.10
N PHE B 272 17.32 -5.76 6.90
CA PHE B 272 16.59 -6.10 5.67
C PHE B 272 16.57 -7.63 5.45
N ASP B 273 15.42 -8.15 5.08
CA ASP B 273 15.26 -9.56 4.91
C ASP B 273 14.98 -9.82 3.44
N SER B 274 16.04 -10.06 2.67
CA SER B 274 15.92 -10.25 1.23
C SER B 274 15.18 -11.53 0.87
N ASP B 275 15.12 -12.46 1.82
CA ASP B 275 14.31 -13.68 1.71
C ASP B 275 12.80 -13.45 1.82
N LYS B 276 12.38 -12.32 2.39
CA LYS B 276 10.94 -12.02 2.50
C LYS B 276 10.52 -10.61 2.03
N GLN B 277 11.47 -9.68 1.88
CA GLN B 277 11.19 -8.25 1.68
C GLN B 277 11.64 -7.68 0.32
N VAL B 278 11.07 -6.52 -0.06
CA VAL B 278 11.41 -5.76 -1.29
C VAL B 278 11.75 -4.28 -0.99
N ILE B 279 12.85 -3.79 -1.55
CA ILE B 279 13.16 -2.36 -1.53
C ILE B 279 12.24 -1.62 -2.50
N SER B 280 11.42 -0.72 -1.98
CA SER B 280 10.36 -0.11 -2.79
C SER B 280 10.03 1.30 -2.36
N LEU B 281 9.76 2.15 -3.35
CA LEU B 281 9.32 3.53 -3.13
C LEU B 281 7.91 3.77 -3.64
N ASN B 282 7.20 2.70 -4.02
CA ASN B 282 5.79 2.78 -4.43
C ASN B 282 4.81 2.88 -3.26
N ARG B 283 5.13 2.25 -2.13
CA ARG B 283 4.21 2.17 -1.00
C ARG B 283 4.97 2.44 0.27
N PRO B 284 4.30 3.07 1.27
CA PRO B 284 4.94 3.27 2.56
C PRO B 284 4.98 1.97 3.35
N GLY B 285 6.00 1.84 4.19
CA GLY B 285 6.14 0.69 5.03
C GLY B 285 6.82 -0.45 4.30
N ILE B 286 6.40 -1.66 4.63
CA ILE B 286 7.09 -2.88 4.22
C ILE B 286 6.33 -3.59 3.11
N THR B 287 7.06 -3.92 2.06
CA THR B 287 6.56 -4.67 0.93
C THR B 287 7.21 -6.05 1.00
N THR B 288 6.35 -7.07 0.93
CA THR B 288 6.79 -8.45 0.87
C THR B 288 6.79 -8.92 -0.58
N LYS B 289 7.60 -9.96 -0.83
CA LYS B 289 7.74 -10.59 -2.13
C LYS B 289 6.52 -11.43 -2.40
N GLU B 290 5.87 -11.86 -1.32
CA GLU B 290 4.62 -12.59 -1.43
C GLU B 290 3.60 -11.69 -2.13
N GLU B 291 3.40 -10.47 -1.65
CA GLU B 291 2.43 -9.56 -2.29
C GLU B 291 2.80 -9.04 -3.70
N LEU B 292 4.04 -9.25 -4.11
CA LEU B 292 4.47 -8.86 -5.46
C LEU B 292 4.68 -10.09 -6.36
N ASP B 293 4.70 -11.29 -5.75
CA ASP B 293 4.95 -12.56 -6.46
C ASP B 293 6.39 -12.71 -6.93
N TRP B 294 7.30 -12.16 -6.15
CA TRP B 294 8.68 -12.11 -6.52
C TRP B 294 9.37 -13.14 -5.63
N THR B 295 8.89 -14.39 -5.71
CA THR B 295 9.18 -15.47 -4.76
C THR B 295 10.09 -16.52 -5.37
N LYS B 296 10.66 -17.38 -4.51
CA LYS B 296 11.45 -18.53 -4.95
C LYS B 296 10.69 -19.34 -6.05
N SER B 297 9.43 -19.68 -5.76
CA SER B 297 8.48 -20.36 -6.68
C SER B 297 8.29 -19.75 -8.05
N ALA B 298 8.50 -18.44 -8.16
CA ALA B 298 8.29 -17.70 -9.41
C ALA B 298 9.61 -17.57 -10.13
N GLU B 299 10.68 -17.69 -9.35
CA GLU B 299 12.05 -17.77 -9.86
C GLU B 299 12.33 -19.15 -10.47
N ASP B 300 11.73 -20.18 -9.89
CA ASP B 300 11.79 -21.53 -10.45
C ASP B 300 10.92 -21.67 -11.69
N PHE B 301 9.76 -21.04 -11.68
CA PHE B 301 8.84 -21.04 -12.84
C PHE B 301 9.50 -20.47 -14.11
N ALA B 302 10.03 -19.26 -13.99
CA ALA B 302 10.85 -18.59 -15.01
C ALA B 302 11.87 -19.52 -15.63
N ARG B 303 12.83 -20.01 -14.84
CA ARG B 303 13.85 -20.99 -15.28
C ARG B 303 13.31 -22.21 -16.06
N MET B 304 12.23 -22.81 -15.57
CA MET B 304 11.58 -23.95 -16.22
C MET B 304 10.79 -23.54 -17.48
N ASN B 305 10.57 -22.25 -17.62
CA ASN B 305 9.70 -21.69 -18.62
C ASN B 305 10.49 -21.03 -19.74
N GLY B 306 11.81 -21.06 -19.64
CA GLY B 306 12.65 -20.53 -20.70
C GLY B 306 13.28 -19.21 -20.30
N GLU B 307 12.47 -18.32 -19.76
CA GLU B 307 12.95 -17.00 -19.35
C GLU B 307 14.01 -17.03 -18.23
N LYS B 308 14.68 -15.89 -18.09
CA LYS B 308 15.74 -15.66 -17.12
C LYS B 308 15.29 -14.48 -16.26
N VAL B 309 15.30 -14.64 -14.93
CA VAL B 309 14.87 -13.58 -14.02
C VAL B 309 15.07 -13.96 -12.54
N HIS B 310 15.82 -13.12 -11.81
CA HIS B 310 16.14 -13.42 -10.40
C HIS B 310 15.42 -12.49 -9.43
N TYR B 311 15.23 -13.00 -8.21
CA TYR B 311 14.58 -12.31 -7.14
C TYR B 311 15.36 -12.52 -5.84
N GLN B 312 16.69 -12.50 -5.96
CA GLN B 312 17.57 -12.66 -4.79
C GLN B 312 17.65 -11.37 -4.04
N TRP B 313 17.82 -10.28 -4.78
CA TRP B 313 17.92 -8.94 -4.23
C TRP B 313 16.90 -8.11 -5.04
N CYS B 314 15.76 -7.81 -4.39
CA CYS B 314 14.62 -7.20 -5.04
C CYS B 314 14.59 -5.69 -4.78
N ILE B 315 14.67 -4.90 -5.86
CA ILE B 315 14.48 -3.46 -5.82
C ILE B 315 13.41 -3.14 -6.84
N GLU B 316 12.27 -2.63 -6.38
CA GLU B 316 11.11 -2.33 -7.22
C GLU B 316 11.21 -0.98 -7.89
N ASP B 317 10.88 -0.94 -9.18
CA ASP B 317 10.94 0.29 -9.96
C ASP B 317 9.63 1.06 -9.79
N PRO B 318 9.73 2.36 -9.44
CA PRO B 318 8.59 3.23 -9.12
C PRO B 318 7.61 3.46 -10.27
N TYR B 319 8.07 3.23 -11.50
CA TYR B 319 7.36 3.63 -12.73
C TYR B 319 7.21 2.53 -13.77
N GLU B 320 8.29 1.76 -14.01
CA GLU B 320 8.27 0.65 -14.98
C GLU B 320 7.27 -0.39 -14.56
N LEU B 321 6.71 -1.09 -15.54
CA LEU B 321 5.70 -2.10 -15.28
C LEU B 321 6.26 -3.42 -14.82
N ASN B 322 6.13 -3.71 -13.52
CA ASN B 322 6.53 -4.97 -12.89
C ASN B 322 7.98 -5.32 -13.15
N LEU B 323 8.86 -4.31 -13.06
CA LEU B 323 10.29 -4.50 -13.26
C LEU B 323 11.10 -4.47 -11.94
N ASN B 324 12.16 -5.27 -11.89
CA ASN B 324 13.00 -5.46 -10.72
C ASN B 324 14.37 -4.85 -11.07
N VAL B 325 14.71 -3.73 -10.44
CA VAL B 325 15.98 -3.04 -10.73
C VAL B 325 17.22 -3.96 -10.44
N GLY B 326 17.10 -4.90 -9.48
CA GLY B 326 18.15 -5.87 -9.17
C GLY B 326 17.93 -7.22 -9.84
N ARG B 327 17.32 -7.21 -11.03
CA ARG B 327 16.90 -8.44 -11.72
C ARG B 327 18.10 -9.27 -12.17
N ASN B 328 19.26 -8.63 -12.24
CA ASN B 328 20.49 -9.23 -12.73
C ASN B 328 21.37 -9.77 -11.59
N VAL B 329 20.93 -9.60 -10.34
CA VAL B 329 21.65 -10.12 -9.18
C VAL B 329 21.33 -11.61 -9.01
N THR B 330 22.30 -12.41 -9.46
CA THR B 330 22.33 -13.87 -9.39
C THR B 330 22.35 -14.30 -7.92
N PRO B 331 22.06 -15.60 -7.62
CA PRO B 331 22.23 -16.12 -6.25
C PRO B 331 23.66 -15.99 -5.69
N LEU B 332 24.62 -15.98 -6.62
CA LEU B 332 26.04 -15.96 -6.31
C LEU B 332 26.53 -14.52 -6.32
N LYS B 333 25.78 -13.64 -6.99
CA LYS B 333 26.10 -12.22 -7.05
C LYS B 333 25.71 -11.55 -5.74
N ARG B 334 24.66 -12.09 -5.11
CA ARG B 334 24.20 -11.63 -3.80
C ARG B 334 25.21 -11.86 -2.68
N ASP B 335 25.85 -13.04 -2.67
CA ASP B 335 26.94 -13.35 -1.75
C ASP B 335 28.09 -12.36 -1.87
N PHE B 336 28.46 -12.02 -3.10
CA PHE B 336 29.47 -11.01 -3.41
C PHE B 336 29.09 -9.70 -2.69
N LEU B 337 27.84 -9.28 -2.92
CA LEU B 337 27.24 -8.07 -2.30
C LEU B 337 27.34 -8.12 -0.79
N ARG B 338 26.70 -9.13 -0.18
CA ARG B 338 26.84 -9.40 1.25
C ARG B 338 28.29 -9.31 1.77
N ARG B 339 29.22 -10.06 1.14
CA ARG B 339 30.64 -9.98 1.52
C ARG B 339 31.19 -8.56 1.42
N HIS B 340 30.89 -7.86 0.32
CA HIS B 340 31.27 -6.46 0.20
C HIS B 340 30.67 -5.51 1.21
N LEU B 341 29.41 -5.75 1.59
CA LEU B 341 28.76 -4.97 2.66
C LEU B 341 29.43 -5.21 4.02
N GLU B 342 29.96 -6.41 4.24
CA GLU B 342 30.60 -6.76 5.51
C GLU B 342 31.97 -6.13 5.60
N LYS B 343 32.75 -6.27 4.54
CA LYS B 343 34.06 -5.65 4.45
C LYS B 343 34.02 -4.13 4.48
N ALA B 344 33.00 -3.53 3.87
CA ALA B 344 32.91 -2.06 3.77
C ALA B 344 32.65 -1.37 5.11
N ARG B 345 32.37 -2.17 6.15
CA ARG B 345 32.21 -1.66 7.52
C ARG B 345 33.56 -1.29 8.10
N ASP B 346 34.52 -2.17 7.89
CA ASP B 346 35.83 -2.15 8.54
C ASP B 346 36.91 -1.40 7.73
N THR B 347 36.53 -0.90 6.55
CA THR B 347 37.40 -0.04 5.74
C THR B 347 36.71 1.25 5.30
N ALA B 348 35.55 1.56 5.89
CA ALA B 348 34.74 2.74 5.55
C ALA B 348 34.66 3.03 4.06
N LEU B 349 33.97 2.16 3.33
CA LEU B 349 33.86 2.22 1.86
C LEU B 349 35.21 2.27 1.11
N LEU B 350 36.19 1.52 1.63
CA LEU B 350 37.52 1.32 1.00
C LEU B 350 38.41 2.57 0.96
N THR B 351 38.32 3.41 1.99
CA THR B 351 39.17 4.59 2.11
C THR B 351 40.26 4.29 3.15
N ILE B 352 39.88 3.55 4.19
CA ILE B 352 40.84 3.01 5.15
C ILE B 352 41.40 1.67 4.61
#